data_8F88
#
_entry.id   8F88
#
_cell.length_a   88.229
_cell.length_b   176.231
_cell.length_c   43.797
_cell.angle_alpha   90.00
_cell.angle_beta   90.29
_cell.angle_gamma   90.00
#
_symmetry.space_group_name_H-M   'P 1 21 1'
#
loop_
_entity.id
_entity.type
_entity.pdbx_description
1 polymer 'Tyrosine-protein phosphatase non-receptor type 1'
2 polymer 'Tyrosine-protein kinase JAK2'
3 non-polymer 2-AMINO-2-HYDROXYMETHYL-PROPANE-1,3-DIOL
4 water water
#
loop_
_entity_poly.entity_id
_entity_poly.type
_entity_poly.pdbx_seq_one_letter_code
_entity_poly.pdbx_strand_id
1 'polypeptide(L)'
;MEMEKEFEQIDKSGSWAAIYQDIRHEASDFPCRVAKLPKNKNRNRYRDVSPFDHSRIKLHQEDNDYINASLIKMEEAQRS
YILTQGPLPNTCGHFWEMVWEQKSRGVVMLNRVMEKGSLKCAQYWPQKEEKEMIFEDTNLKLTLISEDIKSYYTVRQLEL
ENLTTQETREILHFHYTTWPAFGVPESPASFLNFLFKVRESGSLSPEHGPVVVHASAGIGRSGTFCLADTCLLLMDKRKD
PSSVDIKKVLLEMRKFRMGLIATADQLRFSYLAVIEGAKFIMGDSSVQDQWKELSHEDLEPPPEHIPPPPRPPKRILEPH
N
;
A,B,C
2 'polypeptide(L)' VLPQDKEY(PTR)KVKEPGE E,F,G
#
loop_
_chem_comp.id
_chem_comp.type
_chem_comp.name
_chem_comp.formula
TRS non-polymer 2-AMINO-2-HYDROXYMETHYL-PROPANE-1,3-DIOL 'C4 H12 N O3 1'
#
# COMPACT_ATOMS: atom_id res chain seq x y z
N MET A 3 16.39 11.45 -41.52
CA MET A 3 15.55 10.81 -40.52
C MET A 3 14.32 10.24 -41.18
N GLU A 4 13.86 10.94 -42.22
CA GLU A 4 12.61 10.56 -42.85
C GLU A 4 12.70 9.16 -43.46
N LYS A 5 13.80 8.87 -44.18
CA LYS A 5 13.99 7.52 -44.74
C LYS A 5 14.04 6.48 -43.64
N GLU A 6 14.52 6.90 -42.47
CA GLU A 6 14.48 6.07 -41.29
C GLU A 6 13.05 5.69 -40.95
N PHE A 7 12.10 6.54 -41.34
CA PHE A 7 10.69 6.23 -41.17
C PHE A 7 10.24 5.12 -42.10
N GLU A 8 10.79 5.07 -43.32
CA GLU A 8 10.39 4.04 -44.26
C GLU A 8 10.88 2.69 -43.79
N GLN A 9 12.16 2.62 -43.43
CA GLN A 9 12.75 1.33 -43.12
C GLN A 9 11.90 0.60 -42.10
N ILE A 10 11.50 1.31 -41.04
CA ILE A 10 10.56 0.74 -40.09
C ILE A 10 9.23 0.44 -40.77
N ASP A 11 8.84 1.28 -41.75
CA ASP A 11 7.56 1.07 -42.43
C ASP A 11 7.64 -0.04 -43.47
N LYS A 12 8.78 -0.17 -44.15
CA LYS A 12 8.99 -1.29 -45.06
C LYS A 12 8.87 -2.61 -44.31
N SER A 13 9.49 -2.70 -43.13
CA SER A 13 9.35 -3.87 -42.28
C SER A 13 7.97 -3.99 -41.66
N GLY A 14 7.15 -2.94 -41.74
CA GLY A 14 5.82 -3.01 -41.12
C GLY A 14 5.88 -3.49 -39.69
N SER A 15 6.89 -3.04 -38.95
CA SER A 15 7.12 -3.48 -37.58
C SER A 15 6.60 -2.51 -36.53
N TRP A 16 5.78 -1.54 -36.92
CA TRP A 16 5.21 -0.62 -35.96
C TRP A 16 4.58 -1.36 -34.79
N ALA A 17 3.78 -2.39 -35.08
CA ALA A 17 3.18 -3.15 -33.98
C ALA A 17 4.25 -3.68 -33.04
N ALA A 18 5.42 -4.04 -33.58
CA ALA A 18 6.51 -4.48 -32.72
C ALA A 18 6.96 -3.35 -31.80
N ILE A 19 7.24 -2.18 -32.38
CA ILE A 19 7.69 -1.03 -31.59
C ILE A 19 6.63 -0.61 -30.58
N TYR A 20 5.38 -0.50 -31.02
CA TYR A 20 4.32 -0.09 -30.11
C TYR A 20 4.18 -1.07 -28.94
N GLN A 21 4.28 -2.37 -29.20
CA GLN A 21 4.21 -3.31 -28.09
C GLN A 21 5.43 -3.20 -27.17
N ASP A 22 6.60 -2.92 -27.74
CA ASP A 22 7.77 -2.66 -26.90
C ASP A 22 7.53 -1.46 -25.98
N ILE A 23 7.03 -0.37 -26.55
CA ILE A 23 6.73 0.81 -25.74
C ILE A 23 5.74 0.45 -24.66
N ARG A 24 4.75 -0.38 -25.01
CA ARG A 24 3.75 -0.80 -24.04
C ARG A 24 4.40 -1.60 -22.92
N HIS A 25 5.38 -2.44 -23.25
CA HIS A 25 6.07 -3.23 -22.25
C HIS A 25 7.00 -2.37 -21.42
N GLU A 26 7.80 -1.51 -22.08
CA GLU A 26 8.74 -0.67 -21.33
C GLU A 26 8.06 0.47 -20.58
N ALA A 27 6.78 0.69 -20.78
CA ALA A 27 6.14 1.85 -20.19
C ALA A 27 6.12 1.75 -18.67
N SER A 28 6.18 2.92 -18.01
CA SER A 28 6.18 2.98 -16.56
C SER A 28 4.87 2.42 -16.01
N ASP A 29 4.89 2.06 -14.73
CA ASP A 29 3.76 1.42 -14.09
C ASP A 29 3.68 1.96 -12.66
N PHE A 30 3.14 3.18 -12.51
CA PHE A 30 3.04 3.72 -11.16
C PHE A 30 1.65 3.46 -10.60
N PRO A 31 1.50 3.51 -9.28
CA PRO A 31 0.21 3.20 -8.66
C PRO A 31 -0.82 4.32 -8.81
N CYS A 32 -2.10 3.93 -8.78
CA CYS A 32 -3.23 4.87 -8.84
C CYS A 32 -4.18 4.59 -7.68
N ARG A 33 -3.68 4.68 -6.45
CA ARG A 33 -4.50 4.28 -5.31
C ARG A 33 -5.72 5.18 -5.17
N VAL A 34 -5.53 6.49 -5.33
CA VAL A 34 -6.62 7.43 -5.17
C VAL A 34 -7.71 7.14 -6.19
N ALA A 35 -7.31 6.87 -7.43
CA ALA A 35 -8.28 6.68 -8.50
C ALA A 35 -9.18 5.49 -8.21
N LYS A 36 -8.63 4.43 -7.61
CA LYS A 36 -9.36 3.21 -7.34
C LYS A 36 -10.11 3.22 -6.01
N LEU A 37 -10.04 4.30 -5.24
CA LEU A 37 -10.86 4.39 -4.04
C LEU A 37 -12.33 4.23 -4.40
N PRO A 38 -13.13 3.58 -3.56
CA PRO A 38 -14.57 3.44 -3.89
C PRO A 38 -15.29 4.77 -4.11
N LYS A 39 -15.00 5.79 -3.32
CA LYS A 39 -15.72 7.04 -3.51
C LYS A 39 -15.48 7.61 -4.91
N ASN A 40 -14.44 7.17 -5.61
CA ASN A 40 -14.14 7.70 -6.93
C ASN A 40 -14.49 6.72 -8.05
N LYS A 41 -15.37 5.75 -7.77
CA LYS A 41 -15.80 4.85 -8.84
C LYS A 41 -16.51 5.64 -9.94
N ASN A 42 -17.29 6.64 -9.56
CA ASN A 42 -18.13 7.37 -10.51
C ASN A 42 -17.49 8.63 -11.04
N ARG A 43 -16.24 8.94 -10.65
CA ARG A 43 -15.55 10.04 -11.29
C ARG A 43 -14.66 9.57 -12.43
N ASN A 44 -14.68 8.28 -12.76
CA ASN A 44 -13.85 7.71 -13.81
C ASN A 44 -14.72 7.11 -14.91
N ARG A 45 -14.45 7.54 -16.15
CA ARG A 45 -15.22 7.06 -17.29
C ARG A 45 -14.89 5.60 -17.60
N TYR A 46 -13.64 5.19 -17.41
CA TYR A 46 -13.20 3.84 -17.74
C TYR A 46 -12.50 3.18 -16.57
N ARG A 47 -12.74 1.87 -16.41
CA ARG A 47 -12.06 1.14 -15.35
C ARG A 47 -10.55 1.15 -15.57
N ASP A 48 -10.10 1.13 -16.82
CA ASP A 48 -8.69 0.91 -17.11
C ASP A 48 -7.86 2.17 -17.31
N VAL A 49 -8.47 3.34 -17.44
CA VAL A 49 -7.72 4.58 -17.57
C VAL A 49 -7.90 5.37 -16.28
N SER A 50 -6.82 5.52 -15.53
CA SER A 50 -6.82 6.20 -14.25
C SER A 50 -5.53 7.01 -14.18
N PRO A 51 -5.50 8.04 -13.34
CA PRO A 51 -4.27 8.84 -13.20
C PRO A 51 -3.39 8.33 -12.07
N PHE A 52 -2.10 8.27 -12.38
CA PHE A 52 -1.11 8.01 -11.34
C PHE A 52 -1.24 8.99 -10.19
N ASP A 53 -1.07 8.46 -8.98
CA ASP A 53 -1.17 9.28 -7.79
C ASP A 53 -0.16 10.41 -7.79
N HIS A 54 1.01 10.20 -8.40
CA HIS A 54 2.06 11.20 -8.28
C HIS A 54 1.82 12.39 -9.20
N SER A 55 1.26 12.19 -10.39
CA SER A 55 1.06 13.30 -11.32
C SER A 55 -0.39 13.75 -11.42
N ARG A 56 -1.29 13.16 -10.63
CA ARG A 56 -2.71 13.52 -10.74
C ARG A 56 -2.95 14.94 -10.26
N ILE A 57 -3.79 15.67 -11.01
CA ILE A 57 -4.28 16.98 -10.60
C ILE A 57 -5.22 16.81 -9.41
N LYS A 58 -5.24 17.78 -8.50
CA LYS A 58 -6.06 17.74 -7.31
C LYS A 58 -6.99 18.96 -7.24
N LEU A 59 -8.21 18.77 -6.77
CA LEU A 59 -9.16 19.89 -6.72
C LEU A 59 -9.03 20.60 -5.40
N HIS A 60 -8.94 21.92 -5.45
CA HIS A 60 -8.83 22.76 -4.28
C HIS A 60 -10.06 22.64 -3.38
N GLN A 61 -11.16 22.09 -3.89
CA GLN A 61 -12.33 21.82 -3.06
C GLN A 61 -11.99 20.77 -2.01
N GLU A 62 -12.78 20.75 -0.95
CA GLU A 62 -12.38 20.01 0.23
C GLU A 62 -13.18 18.74 0.45
N ASP A 63 -14.35 18.61 -0.19
CA ASP A 63 -15.11 17.37 -0.08
C ASP A 63 -14.29 16.21 -0.64
N ASN A 64 -13.91 16.29 -1.91
CA ASN A 64 -13.04 15.33 -2.57
C ASN A 64 -12.11 16.12 -3.48
N ASP A 65 -10.91 15.61 -3.67
CA ASP A 65 -9.93 16.32 -4.48
C ASP A 65 -9.65 15.58 -5.77
N TYR A 66 -10.41 14.53 -6.04
CA TYR A 66 -10.14 13.62 -7.14
C TYR A 66 -10.75 14.11 -8.45
N ILE A 67 -9.90 14.29 -9.46
CA ILE A 67 -10.33 14.46 -10.83
C ILE A 67 -9.40 13.61 -11.68
N ASN A 68 -9.97 12.90 -12.67
CA ASN A 68 -9.17 12.00 -13.48
C ASN A 68 -8.39 12.85 -14.47
N ALA A 69 -7.34 13.49 -13.95
CA ALA A 69 -6.50 14.41 -14.70
C ALA A 69 -5.06 14.26 -14.23
N SER A 70 -4.13 14.31 -15.16
CA SER A 70 -2.71 14.12 -14.91
C SER A 70 -1.92 15.31 -15.42
N LEU A 71 -0.94 15.77 -14.65
CA LEU A 71 -0.11 16.89 -15.08
C LEU A 71 1.15 16.35 -15.72
N ILE A 72 1.15 16.26 -17.06
CA ILE A 72 2.35 15.91 -17.81
C ILE A 72 3.26 17.13 -17.90
N LYS A 73 4.47 17.01 -17.38
CA LYS A 73 5.41 18.12 -17.36
C LYS A 73 6.70 17.66 -17.99
N MET A 74 7.17 18.42 -18.98
CA MET A 74 8.30 18.01 -19.81
C MET A 74 9.43 19.00 -19.56
N GLU A 75 10.32 18.59 -18.67
CA GLU A 75 11.36 19.48 -18.21
C GLU A 75 12.28 19.91 -19.34
N GLU A 76 12.63 19.00 -20.24
CA GLU A 76 13.59 19.38 -21.28
C GLU A 76 12.97 20.34 -22.28
N ALA A 77 11.71 20.10 -22.69
CA ALA A 77 11.02 21.00 -23.60
C ALA A 77 10.45 22.24 -22.92
N GLN A 78 10.30 22.24 -21.60
CA GLN A 78 9.79 23.41 -20.90
C GLN A 78 8.28 23.54 -21.04
N ARG A 79 7.57 22.44 -21.27
CA ARG A 79 6.14 22.55 -21.49
C ARG A 79 5.35 21.50 -20.73
N SER A 80 4.20 21.93 -20.21
CA SER A 80 3.28 21.09 -19.47
C SER A 80 1.89 21.09 -20.12
N TYR A 81 1.21 19.94 -20.00
CA TYR A 81 -0.15 19.78 -20.45
C TYR A 81 -0.91 19.05 -19.36
N ILE A 82 -2.22 19.31 -19.27
CA ILE A 82 -3.09 18.56 -18.36
C ILE A 82 -3.93 17.63 -19.23
N LEU A 83 -3.72 16.33 -19.09
CA LEU A 83 -4.47 15.34 -19.85
C LEU A 83 -5.56 14.79 -18.98
N THR A 84 -6.77 14.68 -19.53
CA THR A 84 -7.88 14.29 -18.68
C THR A 84 -8.92 13.57 -19.53
N GLN A 85 -9.79 12.82 -18.85
CA GLN A 85 -10.87 12.16 -19.54
C GLN A 85 -11.95 13.19 -19.92
N GLY A 86 -12.78 12.81 -20.89
CA GLY A 86 -13.94 13.60 -21.23
C GLY A 86 -14.87 13.66 -20.04
N PRO A 87 -15.31 14.86 -19.67
CA PRO A 87 -16.08 14.99 -18.43
C PRO A 87 -17.35 14.15 -18.48
N LEU A 88 -17.83 13.80 -17.31
CA LEU A 88 -19.05 13.06 -17.11
C LEU A 88 -20.14 13.99 -16.66
N PRO A 89 -21.39 13.53 -16.69
CA PRO A 89 -22.49 14.39 -16.24
C PRO A 89 -22.24 15.00 -14.87
N ASN A 90 -21.44 14.35 -14.01
CA ASN A 90 -21.22 14.81 -12.66
C ASN A 90 -19.82 15.39 -12.39
N THR A 91 -18.86 15.24 -13.30
CA THR A 91 -17.55 15.87 -13.12
C THR A 91 -17.35 17.10 -14.01
N CYS A 92 -18.44 17.64 -14.58
CA CYS A 92 -18.34 18.83 -15.42
C CYS A 92 -17.94 20.05 -14.59
N GLY A 93 -18.54 20.20 -13.41
CA GLY A 93 -18.11 21.27 -12.51
C GLY A 93 -16.69 21.05 -12.03
N HIS A 94 -16.29 19.79 -11.84
CA HIS A 94 -14.90 19.52 -11.52
C HIS A 94 -13.99 19.98 -12.65
N PHE A 95 -14.35 19.64 -13.89
CA PHE A 95 -13.52 19.99 -15.04
C PHE A 95 -13.25 21.49 -15.07
N TRP A 96 -14.29 22.31 -14.99
CA TRP A 96 -14.06 23.75 -15.04
C TRP A 96 -13.44 24.25 -13.73
N GLU A 97 -13.75 23.61 -12.60
CA GLU A 97 -12.99 23.89 -11.39
C GLU A 97 -11.51 23.62 -11.60
N MET A 98 -11.17 22.48 -12.20
CA MET A 98 -9.78 22.23 -12.49
C MET A 98 -9.21 23.33 -13.37
N VAL A 99 -9.96 23.72 -14.39
CA VAL A 99 -9.45 24.71 -15.32
C VAL A 99 -9.19 26.01 -14.60
N TRP A 100 -10.16 26.44 -13.77
CA TRP A 100 -10.03 27.74 -13.10
C TRP A 100 -8.86 27.74 -12.13
N GLU A 101 -8.79 26.73 -11.28
CA GLU A 101 -7.71 26.67 -10.31
C GLU A 101 -6.36 26.61 -10.98
N GLN A 102 -6.24 25.85 -12.06
CA GLN A 102 -4.94 25.73 -12.73
C GLN A 102 -4.64 26.90 -13.64
N LYS A 103 -5.52 27.91 -13.68
CA LYS A 103 -5.32 29.10 -14.50
C LYS A 103 -5.04 28.72 -15.96
N SER A 104 -5.73 27.69 -16.44
CA SER A 104 -5.53 27.23 -17.81
C SER A 104 -6.17 28.21 -18.77
N ARG A 105 -5.56 28.38 -19.92
CA ARG A 105 -6.11 29.31 -20.89
C ARG A 105 -6.79 28.65 -22.08
N GLY A 106 -6.42 27.43 -22.43
CA GLY A 106 -7.00 26.77 -23.58
C GLY A 106 -7.40 25.34 -23.24
N VAL A 107 -8.44 24.88 -23.92
CA VAL A 107 -8.90 23.50 -23.82
C VAL A 107 -8.90 22.90 -25.20
N VAL A 108 -8.31 21.72 -25.33
CA VAL A 108 -8.21 21.04 -26.61
C VAL A 108 -9.05 19.78 -26.51
N MET A 109 -10.09 19.74 -27.33
CA MET A 109 -11.04 18.63 -27.36
C MET A 109 -10.75 17.81 -28.60
N LEU A 110 -10.50 16.51 -28.41
CA LEU A 110 -10.14 15.64 -29.53
C LEU A 110 -11.20 14.60 -29.86
N ASN A 111 -12.31 14.57 -29.14
CA ASN A 111 -13.41 13.66 -29.42
C ASN A 111 -14.64 14.48 -29.81
N ARG A 112 -15.77 13.80 -29.88
CA ARG A 112 -17.06 14.41 -30.08
C ARG A 112 -18.01 13.84 -29.04
N VAL A 113 -18.97 14.65 -28.57
CA VAL A 113 -19.80 14.20 -27.46
C VAL A 113 -20.42 12.85 -27.77
N MET A 114 -20.80 12.64 -29.02
CA MET A 114 -21.35 11.39 -29.49
C MET A 114 -20.47 10.86 -30.61
N GLU A 115 -19.99 9.64 -30.44
CA GLU A 115 -19.21 8.93 -31.43
C GLU A 115 -19.70 7.49 -31.42
N LYS A 116 -19.96 6.94 -32.60
CA LYS A 116 -20.45 5.56 -32.75
C LYS A 116 -21.61 5.30 -31.77
N GLY A 117 -22.63 6.15 -31.86
CA GLY A 117 -23.90 5.93 -31.18
C GLY A 117 -23.87 5.94 -29.68
N SER A 118 -22.72 6.28 -29.12
CA SER A 118 -22.57 6.36 -27.69
C SER A 118 -21.90 7.65 -27.29
N LEU A 119 -22.25 8.13 -26.10
CA LEU A 119 -21.70 9.38 -25.62
C LEU A 119 -20.37 9.08 -24.96
N LYS A 120 -19.30 9.65 -25.50
CA LYS A 120 -17.98 9.47 -24.95
C LYS A 120 -17.63 10.58 -23.96
N CYS A 121 -18.36 11.67 -24.04
CA CYS A 121 -18.08 12.88 -23.31
C CYS A 121 -19.40 13.52 -22.91
N ALA A 122 -19.29 14.60 -22.15
CA ALA A 122 -20.43 15.37 -21.69
C ALA A 122 -20.57 16.64 -22.53
N GLN A 123 -21.77 17.25 -22.52
CA GLN A 123 -21.91 18.60 -23.08
C GLN A 123 -21.49 19.56 -21.96
N TYR A 124 -20.18 19.74 -21.84
CA TYR A 124 -19.62 20.50 -20.73
C TYR A 124 -19.38 21.95 -21.08
N TRP A 125 -19.74 22.38 -22.28
CA TRP A 125 -19.68 23.77 -22.69
C TRP A 125 -20.98 24.19 -23.36
N PRO A 126 -21.51 25.37 -23.05
CA PRO A 126 -22.79 25.78 -23.64
C PRO A 126 -22.74 25.95 -25.14
N GLN A 127 -23.82 25.56 -25.81
CA GLN A 127 -23.84 25.60 -27.26
C GLN A 127 -24.50 26.85 -27.84
N LYS A 128 -25.12 27.68 -27.02
CA LYS A 128 -25.81 28.86 -27.52
C LYS A 128 -25.49 30.05 -26.63
N GLU A 129 -25.13 31.18 -27.26
CA GLU A 129 -24.75 32.36 -26.48
C GLU A 129 -25.81 32.73 -25.44
N GLU A 130 -27.07 32.37 -25.70
CA GLU A 130 -28.14 32.80 -24.81
C GLU A 130 -28.46 31.80 -23.71
N LYS A 131 -27.86 30.62 -23.73
CA LYS A 131 -28.10 29.62 -22.69
C LYS A 131 -26.80 29.31 -21.95
N GLU A 132 -26.33 30.28 -21.16
CA GLU A 132 -25.17 30.08 -20.30
C GLU A 132 -25.39 28.88 -19.37
N MET A 133 -24.29 28.25 -18.99
CA MET A 133 -24.28 27.13 -18.07
C MET A 133 -23.79 27.56 -16.69
N ILE A 134 -24.34 26.93 -15.65
CA ILE A 134 -23.99 27.24 -14.27
C ILE A 134 -23.85 25.93 -13.53
N PHE A 135 -22.66 25.68 -12.98
CA PHE A 135 -22.38 24.48 -12.21
C PHE A 135 -22.52 24.88 -10.74
N GLU A 136 -23.60 24.43 -10.10
CA GLU A 136 -23.87 24.84 -8.73
C GLU A 136 -22.83 24.30 -7.76
N ASP A 137 -22.36 23.07 -7.96
CA ASP A 137 -21.48 22.44 -6.98
C ASP A 137 -20.15 23.19 -6.88
N THR A 138 -19.55 23.55 -8.01
CA THR A 138 -18.27 24.23 -8.00
C THR A 138 -18.42 25.73 -8.21
N ASN A 139 -19.66 26.22 -8.23
CA ASN A 139 -19.96 27.65 -8.22
C ASN A 139 -19.27 28.36 -9.38
N LEU A 140 -19.57 27.89 -10.59
CA LEU A 140 -18.97 28.47 -11.77
C LEU A 140 -20.05 28.67 -12.81
N LYS A 141 -19.86 29.66 -13.67
CA LYS A 141 -20.81 29.96 -14.72
C LYS A 141 -20.01 30.09 -16.01
N LEU A 142 -20.53 29.50 -17.08
CA LEU A 142 -19.81 29.39 -18.35
C LEU A 142 -20.67 29.91 -19.48
N THR A 143 -20.19 30.95 -20.17
CA THR A 143 -20.94 31.55 -21.26
C THR A 143 -20.19 31.41 -22.58
N LEU A 144 -20.94 31.14 -23.64
CA LEU A 144 -20.36 31.05 -24.97
C LEU A 144 -20.29 32.46 -25.53
N ILE A 145 -19.15 32.83 -26.07
CA ILE A 145 -18.92 34.18 -26.55
C ILE A 145 -18.94 34.24 -28.07
N SER A 146 -18.08 33.48 -28.72
CA SER A 146 -18.09 33.46 -30.18
C SER A 146 -17.42 32.19 -30.65
N GLU A 147 -17.79 31.74 -31.83
CA GLU A 147 -17.23 30.51 -32.35
C GLU A 147 -16.96 30.63 -33.83
N ASP A 148 -15.86 30.02 -34.23
CA ASP A 148 -15.37 29.96 -35.59
C ASP A 148 -15.39 28.50 -36.01
N ILE A 149 -16.15 28.17 -37.04
CA ILE A 149 -16.31 26.79 -37.47
C ILE A 149 -15.59 26.58 -38.78
N LYS A 150 -14.76 25.56 -38.83
CA LYS A 150 -14.04 25.17 -40.02
C LYS A 150 -14.48 23.76 -40.35
N SER A 151 -14.04 23.27 -41.52
CA SER A 151 -14.53 21.99 -42.02
C SER A 151 -14.33 20.89 -40.98
N TYR A 152 -13.15 20.85 -40.34
CA TYR A 152 -12.87 19.81 -39.36
C TYR A 152 -12.63 20.30 -37.94
N TYR A 153 -12.49 21.59 -37.70
CA TYR A 153 -12.35 22.04 -36.32
C TYR A 153 -13.12 23.33 -36.07
N THR A 154 -13.35 23.60 -34.80
CA THR A 154 -14.12 24.73 -34.33
C THR A 154 -13.37 25.39 -33.19
N VAL A 155 -13.33 26.71 -33.22
CA VAL A 155 -12.55 27.46 -32.24
C VAL A 155 -13.49 28.33 -31.44
N ARG A 156 -14.22 27.73 -30.50
CA ARG A 156 -15.09 28.52 -29.63
C ARG A 156 -14.29 29.45 -28.73
N GLN A 157 -14.99 30.44 -28.19
CA GLN A 157 -14.44 31.38 -27.25
C GLN A 157 -15.39 31.46 -26.07
N LEU A 158 -14.93 31.04 -24.91
CA LEU A 158 -15.78 30.94 -23.75
C LEU A 158 -15.37 31.97 -22.70
N GLU A 159 -16.35 32.37 -21.92
CA GLU A 159 -16.11 33.25 -20.79
C GLU A 159 -16.51 32.43 -19.57
N LEU A 160 -15.51 31.96 -18.84
CA LEU A 160 -15.72 31.24 -17.60
C LEU A 160 -15.64 32.27 -16.47
N GLU A 161 -16.57 32.16 -15.53
CA GLU A 161 -16.66 33.16 -14.48
C GLU A 161 -16.89 32.51 -13.14
N ASN A 162 -16.20 33.03 -12.14
CA ASN A 162 -16.29 32.51 -10.77
C ASN A 162 -17.40 33.26 -10.03
N LEU A 163 -18.50 32.56 -9.72
CA LEU A 163 -19.57 33.24 -9.00
C LEU A 163 -19.13 33.73 -7.62
N THR A 164 -18.09 33.13 -7.04
CA THR A 164 -17.67 33.50 -5.69
C THR A 164 -16.84 34.78 -5.72
N THR A 165 -15.69 34.76 -6.40
CA THR A 165 -14.87 35.96 -6.45
C THR A 165 -15.40 36.99 -7.44
N GLN A 166 -16.36 36.63 -8.30
CA GLN A 166 -16.96 37.54 -9.27
C GLN A 166 -16.03 37.77 -10.46
N GLU A 167 -14.94 37.03 -10.51
CA GLU A 167 -13.90 37.07 -11.52
C GLU A 167 -14.34 36.38 -12.81
N THR A 168 -13.66 36.71 -13.90
CA THR A 168 -14.01 36.13 -15.20
C THR A 168 -12.73 35.99 -16.02
N ARG A 169 -12.69 34.95 -16.86
CA ARG A 169 -11.57 34.69 -17.76
C ARG A 169 -12.08 34.22 -19.12
N GLU A 170 -11.24 34.43 -20.13
CA GLU A 170 -11.50 33.99 -21.50
C GLU A 170 -10.75 32.69 -21.73
N ILE A 171 -11.49 31.61 -21.97
CA ILE A 171 -10.91 30.30 -22.27
C ILE A 171 -11.10 30.06 -23.75
N LEU A 172 -10.07 29.54 -24.40
CA LEU A 172 -10.17 29.16 -25.80
C LEU A 172 -10.45 27.68 -25.91
N HIS A 173 -11.40 27.34 -26.76
CA HIS A 173 -11.80 25.96 -26.99
C HIS A 173 -11.35 25.56 -28.39
N PHE A 174 -10.51 24.53 -28.49
CA PHE A 174 -10.08 24.01 -29.78
C PHE A 174 -10.66 22.62 -29.95
N HIS A 175 -11.65 22.50 -30.84
CA HIS A 175 -12.42 21.29 -31.00
C HIS A 175 -12.10 20.65 -32.35
N TYR A 176 -11.49 19.46 -32.32
CA TYR A 176 -11.14 18.71 -33.53
C TYR A 176 -12.27 17.70 -33.71
N THR A 177 -13.20 18.03 -34.60
CA THR A 177 -14.46 17.31 -34.68
C THR A 177 -14.44 16.11 -35.60
N THR A 178 -13.34 15.86 -36.31
CA THR A 178 -13.28 14.77 -37.28
C THR A 178 -12.34 13.64 -36.85
N TRP A 179 -11.70 13.75 -35.69
CA TRP A 179 -10.72 12.74 -35.27
C TRP A 179 -11.40 11.61 -34.53
N PRO A 180 -11.45 10.41 -35.08
CA PRO A 180 -12.17 9.30 -34.47
C PRO A 180 -11.32 8.47 -33.53
N ALA A 181 -12.02 7.91 -32.54
CA ALA A 181 -11.37 7.12 -31.48
C ALA A 181 -10.50 6.02 -32.06
N PHE A 182 -9.27 5.93 -31.59
CA PHE A 182 -8.28 4.98 -32.08
C PHE A 182 -7.93 5.23 -33.53
N GLY A 183 -8.42 6.33 -34.09
CA GLY A 183 -8.21 6.66 -35.49
C GLY A 183 -7.02 7.58 -35.68
N VAL A 184 -6.97 8.20 -36.86
CA VAL A 184 -5.94 9.19 -37.15
C VAL A 184 -6.54 10.33 -37.94
N PRO A 185 -6.00 11.53 -37.75
CA PRO A 185 -6.50 12.68 -38.52
C PRO A 185 -6.45 12.41 -40.01
N GLU A 186 -7.32 13.09 -40.75
CA GLU A 186 -7.43 12.87 -42.18
C GLU A 186 -6.06 12.87 -42.84
N SER A 187 -5.16 13.72 -42.35
CA SER A 187 -3.80 13.75 -42.87
C SER A 187 -2.93 14.51 -41.87
N PRO A 188 -1.61 14.39 -42.00
CA PRO A 188 -0.73 15.29 -41.24
C PRO A 188 -1.02 16.77 -41.47
N ALA A 189 -1.23 17.17 -42.72
CA ALA A 189 -1.51 18.58 -42.99
C ALA A 189 -2.68 19.09 -42.16
N SER A 190 -3.76 18.30 -42.10
CA SER A 190 -4.91 18.66 -41.27
C SER A 190 -4.51 18.76 -39.80
N PHE A 191 -3.74 17.79 -39.33
CA PHE A 191 -3.32 17.80 -37.93
C PHE A 191 -2.44 19.01 -37.63
N LEU A 192 -1.33 19.15 -38.36
CA LEU A 192 -0.41 20.25 -38.09
C LEU A 192 -1.13 21.59 -38.10
N ASN A 193 -2.05 21.78 -39.03
CA ASN A 193 -2.81 23.02 -39.07
C ASN A 193 -3.42 23.30 -37.71
N PHE A 194 -4.10 22.30 -37.14
CA PHE A 194 -4.77 22.44 -35.85
C PHE A 194 -3.78 22.85 -34.76
N LEU A 195 -2.75 22.04 -34.53
CA LEU A 195 -1.79 22.33 -33.48
C LEU A 195 -1.26 23.75 -33.58
N PHE A 196 -0.87 24.16 -34.77
CA PHE A 196 -0.29 25.48 -34.94
C PHE A 196 -1.28 26.58 -34.62
N LYS A 197 -2.56 26.35 -34.89
CA LYS A 197 -3.56 27.31 -34.43
C LYS A 197 -3.58 27.40 -32.91
N VAL A 198 -3.43 26.26 -32.22
CA VAL A 198 -3.40 26.27 -30.76
C VAL A 198 -2.17 27.03 -30.28
N ARG A 199 -1.05 26.86 -30.96
CA ARG A 199 0.17 27.53 -30.52
C ARG A 199 -0.02 29.04 -30.57
N GLU A 200 -0.49 29.56 -31.71
CA GLU A 200 -0.59 31.01 -31.88
C GLU A 200 -1.55 31.65 -30.89
N SER A 201 -2.60 30.94 -30.49
CA SER A 201 -3.53 31.53 -29.53
C SER A 201 -2.84 31.88 -28.23
N GLY A 202 -1.64 31.37 -27.99
CA GLY A 202 -0.91 31.58 -26.76
C GLY A 202 -1.38 30.71 -25.61
N SER A 203 -2.32 29.81 -25.86
CA SER A 203 -2.78 28.93 -24.81
C SER A 203 -1.66 28.05 -24.30
N LEU A 204 -0.67 27.77 -25.13
CA LEU A 204 0.45 26.94 -24.75
C LEU A 204 1.59 27.72 -24.09
N SER A 205 1.57 29.04 -24.15
CA SER A 205 2.70 29.78 -23.61
C SER A 205 2.76 29.63 -22.09
N PRO A 206 3.97 29.52 -21.53
CA PRO A 206 4.12 29.37 -20.07
C PRO A 206 3.56 30.53 -19.27
N GLU A 207 3.19 31.65 -19.90
CA GLU A 207 2.59 32.74 -19.15
C GLU A 207 1.29 32.31 -18.46
N HIS A 208 0.59 31.32 -19.02
CA HIS A 208 -0.63 30.80 -18.44
C HIS A 208 -0.37 29.46 -17.76
N GLY A 209 -1.44 28.89 -17.21
CA GLY A 209 -1.42 27.54 -16.71
C GLY A 209 -1.21 26.55 -17.85
N PRO A 210 -1.31 25.25 -17.55
CA PRO A 210 -1.09 24.25 -18.59
C PRO A 210 -2.34 24.14 -19.42
N VAL A 211 -2.17 23.95 -20.72
CA VAL A 211 -3.38 23.72 -21.52
C VAL A 211 -4.00 22.39 -21.10
N VAL A 212 -5.32 22.33 -21.13
CA VAL A 212 -6.03 21.10 -20.85
C VAL A 212 -6.37 20.44 -22.18
N VAL A 213 -5.94 19.19 -22.36
CA VAL A 213 -6.17 18.44 -23.59
C VAL A 213 -6.92 17.17 -23.22
N HIS A 214 -7.95 16.82 -23.99
CA HIS A 214 -8.73 15.64 -23.63
C HIS A 214 -9.38 15.02 -24.85
N ALA A 215 -9.89 13.81 -24.65
CA ALA A 215 -10.64 13.03 -25.63
C ALA A 215 -11.61 12.21 -24.78
N SER A 216 -12.04 11.07 -25.29
CA SER A 216 -12.96 10.25 -24.50
C SER A 216 -12.28 9.76 -23.23
N ALA A 217 -11.04 9.26 -23.35
CA ALA A 217 -10.29 8.87 -22.18
C ALA A 217 -9.03 9.70 -21.99
N GLY A 218 -8.68 10.55 -22.95
CA GLY A 218 -7.54 11.43 -22.79
C GLY A 218 -6.24 10.67 -22.66
N ILE A 219 -6.01 9.71 -23.54
CA ILE A 219 -4.73 9.01 -23.55
C ILE A 219 -4.30 8.76 -24.99
N GLY A 220 -5.25 8.43 -25.86
CA GLY A 220 -4.93 8.06 -27.22
C GLY A 220 -4.74 9.20 -28.20
N ARG A 221 -5.82 9.90 -28.55
CA ARG A 221 -5.65 11.05 -29.44
C ARG A 221 -4.86 12.15 -28.76
N SER A 222 -5.16 12.43 -27.48
CA SER A 222 -4.44 13.47 -26.76
C SER A 222 -2.95 13.14 -26.67
N GLY A 223 -2.61 11.87 -26.46
CA GLY A 223 -1.22 11.49 -26.42
C GLY A 223 -0.50 11.82 -27.72
N THR A 224 -1.15 11.53 -28.85
CA THR A 224 -0.56 11.87 -30.15
C THR A 224 -0.39 13.39 -30.29
N PHE A 225 -1.34 14.16 -29.74
CA PHE A 225 -1.26 15.61 -29.84
C PHE A 225 -0.02 16.13 -29.13
N CYS A 226 0.14 15.78 -27.87
CA CYS A 226 1.27 16.27 -27.10
C CYS A 226 2.56 15.68 -27.63
N LEU A 227 2.54 14.39 -27.97
CA LEU A 227 3.75 13.74 -28.46
C LEU A 227 4.27 14.44 -29.70
N ALA A 228 3.36 14.83 -30.60
CA ALA A 228 3.73 15.67 -31.72
C ALA A 228 4.22 17.04 -31.25
N ASP A 229 3.44 17.71 -30.40
CA ASP A 229 3.80 19.04 -29.94
C ASP A 229 5.17 19.04 -29.26
N THR A 230 5.40 18.12 -28.31
CA THR A 230 6.64 18.15 -27.53
C THR A 230 7.86 17.90 -28.41
N CYS A 231 7.78 16.89 -29.29
CA CYS A 231 8.91 16.58 -30.16
C CYS A 231 9.32 17.81 -30.97
N LEU A 232 8.35 18.43 -31.65
CA LEU A 232 8.64 19.64 -32.41
C LEU A 232 9.24 20.72 -31.51
N LEU A 233 8.72 20.81 -30.29
CA LEU A 233 9.26 21.77 -29.35
C LEU A 233 10.74 21.52 -29.11
N LEU A 234 11.15 20.25 -29.09
CA LEU A 234 12.54 19.92 -28.81
C LEU A 234 13.47 20.28 -29.97
N MET A 235 13.04 19.99 -31.20
CA MET A 235 13.93 20.16 -32.36
C MET A 235 14.44 21.60 -32.47
N ASP A 236 13.61 22.59 -32.13
CA ASP A 236 14.05 23.98 -32.14
C ASP A 236 15.00 24.32 -31.01
N LYS A 237 15.14 23.42 -30.04
CA LYS A 237 15.93 23.65 -28.83
C LYS A 237 17.27 22.92 -28.75
N ARG A 238 17.42 21.68 -29.26
CA ARG A 238 18.54 20.84 -28.84
C ARG A 238 19.87 21.07 -29.59
N LYS A 239 19.85 21.73 -30.74
CA LYS A 239 21.04 22.00 -31.55
C LYS A 239 21.38 20.79 -32.41
N ASP A 240 20.50 19.79 -32.43
CA ASP A 240 20.64 18.69 -33.38
C ASP A 240 19.27 18.09 -33.56
N PRO A 241 18.34 18.80 -34.23
CA PRO A 241 16.96 18.31 -34.28
C PRO A 241 16.84 16.83 -34.63
N SER A 242 17.81 16.26 -35.34
CA SER A 242 17.80 14.82 -35.58
C SER A 242 17.92 14.02 -34.29
N SER A 243 18.38 14.66 -33.21
CA SER A 243 18.61 13.95 -31.95
C SER A 243 17.32 13.49 -31.28
N VAL A 244 16.17 14.08 -31.63
CA VAL A 244 14.93 13.73 -30.95
C VAL A 244 14.58 12.28 -31.24
N ASP A 245 14.32 11.51 -30.18
CA ASP A 245 13.92 10.12 -30.31
C ASP A 245 12.44 10.01 -29.95
N ILE A 246 11.58 9.83 -30.95
CA ILE A 246 10.14 9.87 -30.68
C ILE A 246 9.75 8.78 -29.70
N LYS A 247 10.36 7.61 -29.80
CA LYS A 247 10.09 6.54 -28.84
C LYS A 247 10.48 6.98 -27.44
N LYS A 248 11.66 7.58 -27.28
CA LYS A 248 12.11 8.01 -25.97
C LYS A 248 11.13 9.00 -25.33
N VAL A 249 10.65 9.95 -26.12
CA VAL A 249 9.75 10.98 -25.61
C VAL A 249 8.43 10.38 -25.15
N LEU A 250 7.86 9.45 -25.94
CA LEU A 250 6.58 8.85 -25.55
C LEU A 250 6.70 8.12 -24.21
N LEU A 251 7.81 7.40 -24.00
CA LEU A 251 8.03 6.70 -22.73
C LEU A 251 8.11 7.70 -21.59
N GLU A 252 8.74 8.85 -21.84
CA GLU A 252 8.84 9.88 -20.81
C GLU A 252 7.48 10.39 -20.38
N MET A 253 6.57 10.61 -21.35
CA MET A 253 5.22 11.03 -21.00
C MET A 253 4.50 9.94 -20.24
N ARG A 254 4.64 8.69 -20.69
CA ARG A 254 4.02 7.61 -19.96
C ARG A 254 4.48 7.54 -18.51
N LYS A 255 5.43 8.39 -18.11
CA LYS A 255 5.76 8.54 -16.69
C LYS A 255 4.73 9.38 -15.94
N PHE A 256 3.87 10.11 -16.64
CA PHE A 256 2.90 10.99 -15.99
C PHE A 256 1.45 10.56 -16.20
N ARG A 257 1.14 9.87 -17.30
CA ARG A 257 -0.18 9.33 -17.55
C ARG A 257 0.00 8.04 -18.35
N MET A 258 -0.80 7.04 -18.01
CA MET A 258 -0.69 5.71 -18.60
C MET A 258 -1.25 5.66 -20.01
N GLY A 259 -0.66 4.79 -20.82
CA GLY A 259 -1.21 4.43 -22.12
C GLY A 259 -1.34 5.55 -23.12
N LEU A 260 -0.48 6.57 -23.05
CA LEU A 260 -0.48 7.58 -24.10
C LEU A 260 -0.20 6.93 -25.45
N ILE A 261 -0.98 7.31 -26.46
CA ILE A 261 -0.94 6.66 -27.76
C ILE A 261 -1.61 5.30 -27.64
N ALA A 262 -2.70 5.07 -28.39
CA ALA A 262 -3.53 3.91 -28.18
C ALA A 262 -3.42 2.86 -29.27
N THR A 263 -2.95 3.21 -30.47
CA THR A 263 -2.85 2.26 -31.57
C THR A 263 -1.49 2.40 -32.25
N ALA A 264 -0.98 1.28 -32.77
CA ALA A 264 0.25 1.35 -33.55
C ALA A 264 0.11 2.35 -34.68
N ASP A 265 -1.09 2.51 -35.22
CA ASP A 265 -1.32 3.52 -36.26
C ASP A 265 -1.14 4.92 -35.70
N GLN A 266 -1.81 5.23 -34.58
CA GLN A 266 -1.64 6.53 -33.94
C GLN A 266 -0.16 6.82 -33.75
N LEU A 267 0.57 5.83 -33.24
CA LEU A 267 2.02 5.98 -33.09
C LEU A 267 2.67 6.30 -34.42
N ARG A 268 2.27 5.59 -35.48
CA ARG A 268 2.84 5.84 -36.79
C ARG A 268 2.55 7.27 -37.25
N PHE A 269 1.30 7.71 -37.12
CA PHE A 269 0.97 9.07 -37.53
C PHE A 269 1.81 10.07 -36.75
N SER A 270 1.97 9.83 -35.45
CA SER A 270 2.77 10.72 -34.63
C SER A 270 4.12 10.96 -35.28
N TYR A 271 4.73 9.89 -35.82
CA TYR A 271 5.98 10.06 -36.54
C TYR A 271 5.80 11.00 -37.72
N LEU A 272 4.79 10.75 -38.56
CA LEU A 272 4.63 11.57 -39.75
C LEU A 272 4.42 13.03 -39.41
N ALA A 273 3.61 13.33 -38.40
CA ALA A 273 3.33 14.72 -38.05
C ALA A 273 4.61 15.45 -37.67
N VAL A 274 5.46 14.82 -36.87
CA VAL A 274 6.74 15.41 -36.54
C VAL A 274 7.56 15.59 -37.81
N ILE A 275 7.56 14.56 -38.66
CA ILE A 275 8.35 14.62 -39.90
C ILE A 275 7.84 15.74 -40.78
N GLU A 276 6.52 15.77 -41.02
CA GLU A 276 5.94 16.84 -41.84
C GLU A 276 6.05 18.18 -41.13
N GLY A 277 5.82 18.19 -39.81
CA GLY A 277 5.97 19.42 -39.05
C GLY A 277 7.40 19.89 -38.93
N ALA A 278 8.36 18.95 -38.92
CA ALA A 278 9.76 19.37 -38.87
C ALA A 278 10.10 20.29 -40.03
N LYS A 279 9.37 20.18 -41.14
CA LYS A 279 9.63 21.03 -42.28
C LYS A 279 9.41 22.50 -41.94
N PHE A 280 8.33 22.79 -41.22
CA PHE A 280 8.12 24.17 -40.76
C PHE A 280 9.23 24.58 -39.81
N ILE A 281 9.51 23.75 -38.81
CA ILE A 281 10.60 24.05 -37.88
C ILE A 281 11.91 24.15 -38.63
N MET A 282 12.15 23.21 -39.55
CA MET A 282 13.41 23.15 -40.31
C MET A 282 13.56 24.36 -41.23
N GLY A 283 12.49 24.78 -41.91
CA GLY A 283 12.55 25.88 -42.84
C GLY A 283 11.29 25.96 -43.70
N ASP A 284 10.96 24.84 -44.37
CA ASP A 284 9.73 24.71 -45.17
C ASP A 284 9.77 25.45 -46.51
N SER A 285 10.91 25.36 -47.20
CA SER A 285 11.06 25.83 -48.57
C SER A 285 11.39 27.32 -48.64
N SER A 286 10.86 27.98 -49.67
CA SER A 286 10.90 29.43 -49.80
C SER A 286 9.48 29.96 -49.93
N VAL A 287 8.52 29.23 -49.35
CA VAL A 287 7.12 29.63 -49.30
C VAL A 287 6.40 28.83 -48.21
N GLN A 288 6.59 29.22 -46.95
CA GLN A 288 5.85 28.59 -45.85
C GLN A 288 4.40 29.03 -45.93
N ASP A 289 3.61 28.63 -44.92
CA ASP A 289 2.19 28.90 -44.86
C ASP A 289 1.43 27.83 -45.64
N GLN A 290 2.15 26.91 -46.30
CA GLN A 290 1.55 25.89 -47.16
C GLN A 290 0.50 25.07 -46.43
N TRP A 291 0.80 24.68 -45.18
CA TRP A 291 -0.14 23.88 -44.43
C TRP A 291 -1.49 24.57 -44.33
N LYS A 292 -1.47 25.91 -44.30
CA LYS A 292 -2.73 26.65 -44.27
C LYS A 292 -3.57 26.37 -45.50
N GLU A 293 -2.94 26.29 -46.67
CA GLU A 293 -3.66 26.01 -47.92
C GLU A 293 -4.10 24.55 -47.99
N LEU A 294 -3.17 23.62 -47.74
CA LEU A 294 -3.45 22.18 -47.88
C LEU A 294 -4.42 21.63 -46.83
N SER A 295 -4.69 22.36 -45.74
CA SER A 295 -5.54 21.83 -44.68
C SER A 295 -7.01 21.62 -45.10
N HIS A 296 -7.51 22.39 -46.07
CA HIS A 296 -8.91 22.30 -46.50
C HIS A 296 -9.87 22.68 -45.35
N GLU A 297 -9.65 23.87 -44.79
CA GLU A 297 -10.38 24.23 -43.57
C GLU A 297 -11.87 24.47 -43.82
N ASP A 298 -12.26 24.95 -45.00
CA ASP A 298 -13.66 25.31 -45.25
C ASP A 298 -14.12 25.03 -46.68
N GLU B 2 11.58 -9.90 35.08
CA GLU B 2 11.72 -8.52 34.65
C GLU B 2 12.59 -7.76 35.62
N MET B 3 13.89 -8.09 35.62
CA MET B 3 14.85 -7.36 36.44
C MET B 3 15.06 -5.96 35.89
N GLU B 4 13.94 -5.29 35.56
CA GLU B 4 13.99 -3.98 34.95
C GLU B 4 14.72 -2.98 35.84
N LYS B 5 14.47 -3.05 37.14
CA LYS B 5 15.11 -2.13 38.07
C LYS B 5 16.62 -2.11 37.90
N GLU B 6 17.21 -3.12 37.26
CA GLU B 6 18.65 -3.09 37.00
C GLU B 6 19.05 -1.83 36.25
N PHE B 7 18.10 -1.23 35.53
CA PHE B 7 18.28 0.09 34.93
C PHE B 7 18.33 1.20 35.98
N GLU B 8 17.62 1.03 37.10
CA GLU B 8 17.59 2.09 38.11
C GLU B 8 18.94 2.23 38.80
N GLN B 9 19.53 1.12 39.25
CA GLN B 9 20.70 1.24 40.12
C GLN B 9 21.91 1.73 39.33
N ILE B 10 22.10 1.16 38.15
CA ILE B 10 23.17 1.58 37.24
C ILE B 10 22.98 3.04 36.85
N ASP B 11 21.73 3.49 36.74
CA ASP B 11 21.49 4.88 36.38
C ASP B 11 21.78 5.79 37.57
N LYS B 12 21.52 5.31 38.79
CA LYS B 12 21.95 6.01 39.98
C LYS B 12 23.47 6.18 40.02
N SER B 13 24.20 5.12 39.69
CA SER B 13 25.66 5.17 39.68
C SER B 13 26.23 6.01 38.55
N GLY B 14 25.42 6.40 37.57
CA GLY B 14 25.96 7.15 36.44
C GLY B 14 27.19 6.48 35.87
N SER B 15 27.16 5.16 35.76
CA SER B 15 28.30 4.38 35.28
C SER B 15 28.15 3.96 33.82
N TRP B 16 27.16 4.49 33.11
CA TRP B 16 26.99 4.12 31.71
C TRP B 16 28.30 4.28 30.96
N ALA B 17 28.96 5.43 31.10
CA ALA B 17 30.27 5.59 30.49
C ALA B 17 31.23 4.53 31.00
N ALA B 18 31.11 4.13 32.26
CA ALA B 18 31.96 3.07 32.78
C ALA B 18 31.69 1.76 32.05
N ILE B 19 30.43 1.35 31.99
CA ILE B 19 30.07 0.13 31.28
C ILE B 19 30.42 0.25 29.80
N TYR B 20 30.03 1.38 29.19
CA TYR B 20 30.37 1.58 27.79
C TYR B 20 31.88 1.58 27.54
N GLN B 21 32.64 2.24 28.41
CA GLN B 21 34.10 2.22 28.26
C GLN B 21 34.66 0.82 28.47
N ASP B 22 34.06 0.04 29.37
CA ASP B 22 34.46 -1.36 29.53
C ASP B 22 34.22 -2.15 28.24
N ILE B 23 33.02 -1.99 27.66
CA ILE B 23 32.66 -2.69 26.42
C ILE B 23 33.66 -2.35 25.32
N ARG B 24 34.06 -1.08 25.25
CA ARG B 24 35.01 -0.66 24.23
C ARG B 24 36.29 -1.43 24.42
N HIS B 25 36.67 -1.70 25.67
CA HIS B 25 37.90 -2.44 25.94
C HIS B 25 37.74 -3.92 25.58
N GLU B 26 36.64 -4.54 26.00
CA GLU B 26 36.46 -5.96 25.75
C GLU B 26 36.10 -6.28 24.31
N ALA B 27 35.81 -5.29 23.49
CA ALA B 27 35.32 -5.56 22.14
C ALA B 27 36.39 -6.26 21.30
N SER B 28 35.92 -7.10 20.38
CA SER B 28 36.81 -7.88 19.53
C SER B 28 37.63 -6.95 18.63
N ASP B 29 38.72 -7.48 18.11
CA ASP B 29 39.69 -6.73 17.33
C ASP B 29 40.24 -7.64 16.23
N PHE B 30 39.48 -7.79 15.15
CA PHE B 30 39.95 -8.60 14.04
C PHE B 30 40.60 -7.74 12.97
N PRO B 31 41.38 -8.35 12.09
CA PRO B 31 42.07 -7.54 11.06
C PRO B 31 41.12 -7.07 9.96
N CYS B 32 41.50 -5.95 9.33
CA CYS B 32 40.76 -5.39 8.19
C CYS B 32 41.74 -5.13 7.06
N ARG B 33 42.41 -6.18 6.62
CA ARG B 33 43.50 -6.00 5.67
C ARG B 33 42.99 -5.43 4.36
N VAL B 34 41.85 -5.92 3.88
CA VAL B 34 41.33 -5.51 2.58
C VAL B 34 40.94 -4.03 2.61
N ALA B 35 40.27 -3.60 3.67
CA ALA B 35 39.73 -2.24 3.69
C ALA B 35 40.85 -1.20 3.59
N LYS B 36 42.01 -1.51 4.17
CA LYS B 36 43.16 -0.61 4.22
C LYS B 36 44.05 -0.71 2.97
N LEU B 37 43.67 -1.55 2.02
CA LEU B 37 44.38 -1.61 0.76
C LEU B 37 44.36 -0.24 0.08
N PRO B 38 45.40 0.08 -0.70
CA PRO B 38 45.38 1.36 -1.43
C PRO B 38 44.17 1.50 -2.35
N LYS B 39 43.80 0.46 -3.09
CA LYS B 39 42.67 0.61 -4.00
C LYS B 39 41.35 0.90 -3.30
N ASN B 40 41.24 0.62 -2.00
CA ASN B 40 39.97 0.85 -1.33
C ASN B 40 40.00 2.10 -0.45
N LYS B 41 40.96 3.00 -0.68
CA LYS B 41 40.98 4.25 0.07
C LYS B 41 39.72 5.05 -0.17
N ASN B 42 39.20 5.00 -1.41
CA ASN B 42 38.06 5.83 -1.79
C ASN B 42 36.74 5.09 -1.69
N ARG B 43 36.75 3.83 -1.30
CA ARG B 43 35.48 3.16 -1.02
C ARG B 43 35.12 3.23 0.45
N ASN B 44 35.91 3.95 1.25
CA ASN B 44 35.71 4.04 2.68
C ASN B 44 35.40 5.48 3.05
N ARG B 45 34.26 5.68 3.73
CA ARG B 45 33.88 7.01 4.16
C ARG B 45 34.76 7.51 5.29
N TYR B 46 35.17 6.63 6.20
CA TYR B 46 35.97 7.05 7.34
C TYR B 46 37.22 6.19 7.51
N ARG B 47 38.32 6.84 7.93
CA ARG B 47 39.55 6.11 8.20
C ARG B 47 39.36 5.11 9.33
N ASP B 48 38.55 5.46 10.32
CA ASP B 48 38.51 4.68 11.55
C ASP B 48 37.41 3.63 11.58
N VAL B 49 36.47 3.63 10.64
CA VAL B 49 35.43 2.60 10.58
C VAL B 49 35.65 1.77 9.33
N SER B 50 35.95 0.49 9.50
CA SER B 50 36.24 -0.44 8.42
C SER B 50 35.63 -1.80 8.74
N PRO B 51 35.41 -2.64 7.72
CA PRO B 51 34.87 -3.98 8.00
C PRO B 51 35.95 -5.04 8.17
N PHE B 52 35.77 -5.88 9.19
CA PHE B 52 36.63 -7.05 9.36
C PHE B 52 36.68 -7.91 8.10
N ASP B 53 37.87 -8.43 7.79
CA ASP B 53 37.99 -9.30 6.62
C ASP B 53 37.06 -10.49 6.73
N HIS B 54 36.80 -10.97 7.95
CA HIS B 54 36.07 -12.21 8.11
C HIS B 54 34.57 -12.05 7.90
N SER B 55 33.97 -10.92 8.24
CA SER B 55 32.55 -10.74 8.05
C SER B 55 32.20 -9.77 6.90
N ARG B 56 33.20 -9.26 6.16
CA ARG B 56 32.90 -8.29 5.10
C ARG B 56 32.10 -8.92 3.96
N ILE B 57 31.09 -8.17 3.50
CA ILE B 57 30.34 -8.55 2.30
C ILE B 57 31.25 -8.37 1.10
N LYS B 58 31.11 -9.24 0.09
CA LYS B 58 31.96 -9.16 -1.09
C LYS B 58 31.09 -9.03 -2.33
N LEU B 59 31.55 -8.24 -3.28
CA LEU B 59 30.75 -8.01 -4.48
C LEU B 59 31.10 -9.08 -5.49
N HIS B 60 30.06 -9.70 -6.04
CA HIS B 60 30.18 -10.74 -7.05
C HIS B 60 30.87 -10.23 -8.30
N GLN B 61 30.99 -8.92 -8.44
CA GLN B 61 31.71 -8.28 -9.53
C GLN B 61 33.18 -8.70 -9.46
N GLU B 62 33.89 -8.57 -10.57
CA GLU B 62 35.21 -9.17 -10.66
C GLU B 62 36.34 -8.16 -10.60
N ASP B 63 36.05 -6.88 -10.88
CA ASP B 63 37.07 -5.85 -10.81
C ASP B 63 37.62 -5.72 -9.40
N ASN B 64 36.76 -5.34 -8.46
CA ASN B 64 37.08 -5.24 -7.05
C ASN B 64 35.86 -5.74 -6.29
N ASP B 65 36.09 -6.38 -5.15
CA ASP B 65 34.99 -6.99 -4.43
C ASP B 65 34.74 -6.25 -3.13
N TYR B 66 35.39 -5.10 -2.95
CA TYR B 66 35.34 -4.37 -1.69
C TYR B 66 34.11 -3.48 -1.57
N ILE B 67 33.34 -3.71 -0.51
CA ILE B 67 32.30 -2.79 -0.07
C ILE B 67 32.42 -2.68 1.43
N ASN B 68 32.30 -1.46 1.96
CA ASN B 68 32.43 -1.27 3.41
C ASN B 68 31.11 -1.69 4.04
N ALA B 69 30.91 -3.00 4.11
CA ALA B 69 29.68 -3.61 4.61
C ALA B 69 30.02 -4.88 5.35
N SER B 70 29.34 -5.12 6.47
CA SER B 70 29.60 -6.26 7.33
C SER B 70 28.35 -7.09 7.54
N LEU B 71 28.49 -8.40 7.52
CA LEU B 71 27.35 -9.27 7.78
C LEU B 71 27.39 -9.66 9.24
N ILE B 72 26.59 -9.00 10.05
CA ILE B 72 26.34 -9.44 11.43
C ILE B 72 25.33 -10.58 11.41
N LYS B 73 25.69 -11.71 12.01
CA LYS B 73 24.83 -12.89 12.03
C LYS B 73 24.69 -13.36 13.46
N MET B 74 23.45 -13.53 13.91
CA MET B 74 23.19 -13.84 15.32
C MET B 74 22.55 -15.21 15.37
N GLU B 75 23.40 -16.22 15.57
CA GLU B 75 22.93 -17.59 15.47
C GLU B 75 21.86 -17.89 16.50
N GLU B 76 21.98 -17.34 17.72
CA GLU B 76 20.99 -17.67 18.74
C GLU B 76 19.64 -17.06 18.40
N ALA B 77 19.65 -15.80 17.95
CA ALA B 77 18.42 -15.11 17.58
C ALA B 77 17.88 -15.56 16.24
N GLN B 78 18.70 -16.18 15.40
CA GLN B 78 18.26 -16.66 14.10
C GLN B 78 18.13 -15.55 13.07
N ARG B 79 18.83 -14.42 13.24
CA ARG B 79 18.64 -13.30 12.34
C ARG B 79 19.97 -12.70 11.93
N SER B 80 20.02 -12.24 10.68
CA SER B 80 21.21 -11.59 10.13
C SER B 80 20.86 -10.20 9.61
N TYR B 81 21.81 -9.28 9.77
CA TYR B 81 21.71 -7.91 9.30
C TYR B 81 23.00 -7.55 8.58
N ILE B 82 22.89 -6.70 7.57
CA ILE B 82 24.05 -6.18 6.88
C ILE B 82 24.16 -4.71 7.26
N LEU B 83 25.24 -4.38 7.95
CA LEU B 83 25.52 -3.02 8.35
C LEU B 83 26.50 -2.45 7.37
N THR B 84 26.28 -1.20 6.96
CA THR B 84 27.20 -0.61 6.00
C THR B 84 27.23 0.89 6.20
N GLN B 85 28.27 1.53 5.69
CA GLN B 85 28.40 2.97 5.76
C GLN B 85 27.41 3.65 4.81
N GLY B 86 27.20 4.94 5.00
CA GLY B 86 26.46 5.71 4.04
C GLY B 86 27.24 5.75 2.74
N PRO B 87 26.60 5.43 1.62
CA PRO B 87 27.33 5.33 0.36
C PRO B 87 27.99 6.66 -0.02
N LEU B 88 28.99 6.56 -0.88
CA LEU B 88 29.66 7.69 -1.46
C LEU B 88 29.24 7.88 -2.90
N PRO B 89 29.53 9.04 -3.48
CA PRO B 89 29.20 9.28 -4.89
C PRO B 89 29.66 8.17 -5.83
N ASN B 90 30.71 7.44 -5.48
CA ASN B 90 31.26 6.42 -6.34
C ASN B 90 30.96 4.99 -5.88
N THR B 91 30.43 4.81 -4.68
CA THR B 91 30.02 3.48 -4.23
C THR B 91 28.50 3.30 -4.22
N CYS B 92 27.77 4.19 -4.92
CA CYS B 92 26.31 4.07 -5.01
C CYS B 92 25.89 2.84 -5.80
N GLY B 93 26.58 2.56 -6.92
CA GLY B 93 26.34 1.32 -7.63
C GLY B 93 26.78 0.10 -6.84
N HIS B 94 27.90 0.22 -6.11
CA HIS B 94 28.31 -0.88 -5.25
C HIS B 94 27.23 -1.20 -4.21
N PHE B 95 26.67 -0.16 -3.59
CA PHE B 95 25.64 -0.37 -2.56
C PHE B 95 24.47 -1.20 -3.10
N TRP B 96 23.92 -0.84 -4.25
CA TRP B 96 22.77 -1.58 -4.77
C TRP B 96 23.19 -2.95 -5.33
N GLU B 97 24.40 -3.08 -5.87
CA GLU B 97 24.88 -4.42 -6.23
C GLU B 97 24.86 -5.35 -5.02
N MET B 98 25.30 -4.86 -3.87
CA MET B 98 25.19 -5.67 -2.67
C MET B 98 23.74 -6.05 -2.41
N VAL B 99 22.83 -5.09 -2.56
CA VAL B 99 21.43 -5.34 -2.24
C VAL B 99 20.89 -6.44 -3.13
N TRP B 100 21.16 -6.32 -4.43
CA TRP B 100 20.66 -7.29 -5.40
C TRP B 100 21.25 -8.66 -5.15
N GLU B 101 22.57 -8.73 -5.03
CA GLU B 101 23.21 -10.00 -4.80
C GLU B 101 22.74 -10.65 -3.51
N GLN B 102 22.62 -9.87 -2.44
CA GLN B 102 22.22 -10.48 -1.17
C GLN B 102 20.72 -10.68 -1.07
N LYS B 103 19.97 -10.34 -2.12
CA LYS B 103 18.53 -10.59 -2.17
C LYS B 103 17.79 -10.00 -0.97
N SER B 104 18.23 -8.84 -0.53
CA SER B 104 17.60 -8.18 0.63
C SER B 104 16.28 -7.55 0.21
N ARG B 105 15.33 -7.52 1.14
CA ARG B 105 14.07 -6.87 0.80
C ARG B 105 13.95 -5.47 1.40
N GLY B 106 14.69 -5.14 2.45
CA GLY B 106 14.56 -3.85 3.07
C GLY B 106 15.91 -3.18 3.29
N VAL B 107 15.88 -1.85 3.24
CA VAL B 107 17.02 -1.00 3.53
C VAL B 107 16.56 -0.02 4.62
N VAL B 108 17.35 0.10 5.68
CA VAL B 108 17.01 0.96 6.80
C VAL B 108 18.05 2.07 6.88
N MET B 109 17.59 3.31 6.67
CA MET B 109 18.43 4.49 6.68
C MET B 109 18.17 5.24 7.98
N LEU B 110 19.23 5.47 8.74
CA LEU B 110 19.11 6.10 10.04
C LEU B 110 19.70 7.51 10.09
N ASN B 111 20.25 8.02 8.99
CA ASN B 111 20.74 9.39 8.91
C ASN B 111 19.96 10.14 7.82
N ARG B 112 20.18 11.44 7.76
CA ARG B 112 19.74 12.25 6.63
C ARG B 112 20.96 12.51 5.76
N VAL B 113 20.73 12.62 4.44
CA VAL B 113 21.84 12.81 3.52
C VAL B 113 22.64 14.03 3.93
N MET B 114 21.96 15.03 4.47
CA MET B 114 22.58 16.26 4.90
C MET B 114 22.43 16.36 6.41
N GLU B 115 23.55 16.49 7.11
CA GLU B 115 23.56 16.65 8.56
C GLU B 115 24.62 17.67 8.95
N LYS B 116 24.24 18.63 9.79
CA LYS B 116 25.17 19.66 10.27
C LYS B 116 25.98 20.21 9.09
N GLY B 117 25.25 20.62 8.04
CA GLY B 117 25.86 21.35 6.94
C GLY B 117 26.91 20.62 6.14
N SER B 118 27.18 19.36 6.46
CA SER B 118 28.09 18.54 5.68
C SER B 118 27.31 17.27 5.35
N LEU B 119 27.55 16.72 4.16
CA LEU B 119 26.78 15.56 3.70
C LEU B 119 27.35 14.31 4.33
N LYS B 120 26.54 13.64 5.11
CA LYS B 120 26.92 12.41 5.78
C LYS B 120 26.70 11.19 4.92
N CYS B 121 25.95 11.35 3.83
CA CYS B 121 25.58 10.24 2.96
C CYS B 121 25.37 10.76 1.55
N ALA B 122 25.10 9.84 0.65
CA ALA B 122 24.87 10.22 -0.74
C ALA B 122 23.40 10.16 -1.07
N GLN B 123 23.01 10.87 -2.13
CA GLN B 123 21.66 10.72 -2.64
C GLN B 123 21.67 9.48 -3.53
N TYR B 124 21.54 8.33 -2.89
CA TYR B 124 21.62 7.07 -3.61
C TYR B 124 20.25 6.53 -3.99
N TRP B 125 19.18 7.24 -3.66
CA TRP B 125 17.86 6.82 -4.12
C TRP B 125 17.07 7.99 -4.71
N PRO B 126 16.39 7.77 -5.81
CA PRO B 126 15.70 8.86 -6.51
C PRO B 126 14.57 9.48 -5.69
N GLN B 127 14.44 10.80 -5.77
CA GLN B 127 13.43 11.49 -4.97
C GLN B 127 12.13 11.79 -5.73
N LYS B 128 12.09 11.58 -7.03
CA LYS B 128 10.91 11.91 -7.81
C LYS B 128 10.56 10.73 -8.71
N GLU B 129 9.28 10.33 -8.70
CA GLU B 129 8.88 9.15 -9.45
C GLU B 129 9.29 9.23 -10.90
N GLU B 130 9.53 10.43 -11.42
CA GLU B 130 9.84 10.60 -12.84
C GLU B 130 11.33 10.61 -13.15
N LYS B 131 12.22 10.67 -12.17
CA LYS B 131 13.67 10.70 -12.41
C LYS B 131 14.35 9.44 -11.83
N GLU B 132 14.13 8.30 -12.46
CA GLU B 132 14.85 7.10 -12.05
C GLU B 132 16.35 7.32 -12.12
N MET B 133 17.08 6.55 -11.32
CA MET B 133 18.53 6.54 -11.29
C MET B 133 19.03 5.28 -11.97
N ILE B 134 20.16 5.40 -12.68
CA ILE B 134 20.75 4.27 -13.41
C ILE B 134 22.25 4.32 -13.18
N PHE B 135 22.78 3.26 -12.58
CA PHE B 135 24.20 3.17 -12.25
C PHE B 135 24.86 2.34 -13.36
N GLU B 136 25.70 2.99 -14.17
CA GLU B 136 26.28 2.30 -15.30
C GLU B 136 27.22 1.18 -14.87
N ASP B 137 27.99 1.40 -13.80
CA ASP B 137 29.05 0.47 -13.43
C ASP B 137 28.49 -0.89 -13.04
N THR B 138 27.44 -0.91 -12.23
CA THR B 138 26.86 -2.17 -11.78
C THR B 138 25.61 -2.54 -12.56
N ASN B 139 25.26 -1.76 -13.57
CA ASN B 139 24.21 -2.09 -14.54
C ASN B 139 22.87 -2.35 -13.85
N LEU B 140 22.43 -1.35 -13.09
CA LEU B 140 21.20 -1.41 -12.33
C LEU B 140 20.44 -0.10 -12.52
N LYS B 141 19.13 -0.17 -12.38
CA LYS B 141 18.26 0.99 -12.49
C LYS B 141 17.33 1.02 -11.29
N LEU B 142 17.17 2.22 -10.72
CA LEU B 142 16.44 2.38 -9.47
C LEU B 142 15.33 3.40 -9.66
N THR B 143 14.08 2.98 -9.46
CA THR B 143 12.93 3.85 -9.65
C THR B 143 12.13 3.93 -8.37
N LEU B 144 11.60 5.12 -8.09
CA LEU B 144 10.77 5.35 -6.92
C LEU B 144 9.34 4.98 -7.29
N ILE B 145 8.68 4.24 -6.41
CA ILE B 145 7.34 3.79 -6.75
C ILE B 145 6.34 4.61 -5.96
N SER B 146 6.45 4.56 -4.63
CA SER B 146 5.55 5.29 -3.78
C SER B 146 6.24 5.53 -2.45
N GLU B 147 5.81 6.57 -1.76
CA GLU B 147 6.41 6.87 -0.48
C GLU B 147 5.36 7.39 0.49
N ASP B 148 5.54 7.02 1.74
CA ASP B 148 4.69 7.40 2.86
C ASP B 148 5.54 8.23 3.80
N ILE B 149 5.13 9.47 4.05
CA ILE B 149 5.93 10.39 4.85
C ILE B 149 5.25 10.62 6.18
N LYS B 150 5.99 10.46 7.26
CA LYS B 150 5.53 10.70 8.60
C LYS B 150 6.43 11.75 9.22
N SER B 151 6.05 12.23 10.41
CA SER B 151 6.77 13.34 11.02
C SER B 151 8.27 13.05 11.16
N TYR B 152 8.64 11.84 11.59
CA TYR B 152 10.04 11.53 11.80
C TYR B 152 10.59 10.44 10.88
N TYR B 153 9.74 9.71 10.15
CA TYR B 153 10.25 8.72 9.23
C TYR B 153 9.39 8.67 7.98
N THR B 154 9.95 8.02 6.95
CA THR B 154 9.37 7.90 5.63
C THR B 154 9.53 6.47 5.16
N VAL B 155 8.50 5.94 4.50
CA VAL B 155 8.58 4.56 4.07
C VAL B 155 8.49 4.53 2.55
N ARG B 156 9.56 4.89 1.85
CA ARG B 156 9.52 4.79 0.41
C ARG B 156 9.40 3.33 -0.03
N GLN B 157 8.99 3.17 -1.28
CA GLN B 157 8.86 1.86 -1.90
C GLN B 157 9.54 1.96 -3.24
N LEU B 158 10.64 1.24 -3.40
CA LEU B 158 11.51 1.40 -4.55
C LEU B 158 11.45 0.15 -5.40
N GLU B 159 11.66 0.31 -6.70
CA GLU B 159 11.73 -0.81 -7.62
C GLU B 159 13.11 -0.83 -8.24
N LEU B 160 13.94 -1.77 -7.80
CA LEU B 160 15.28 -1.95 -8.37
C LEU B 160 15.20 -3.04 -9.42
N GLU B 161 15.86 -2.79 -10.54
CA GLU B 161 15.77 -3.66 -11.71
C GLU B 161 17.17 -3.94 -12.23
N ASN B 162 17.41 -5.19 -12.59
CA ASN B 162 18.71 -5.60 -13.10
C ASN B 162 18.69 -5.37 -14.61
N LEU B 163 19.41 -4.34 -15.07
CA LEU B 163 19.40 -4.01 -16.49
C LEU B 163 19.95 -5.14 -17.34
N THR B 164 20.72 -6.04 -16.75
CA THR B 164 21.30 -7.12 -17.53
C THR B 164 20.26 -8.21 -17.78
N THR B 165 19.87 -8.91 -16.73
CA THR B 165 18.95 -10.04 -16.81
C THR B 165 17.49 -9.65 -16.97
N GLN B 166 17.15 -8.38 -16.80
CA GLN B 166 15.80 -7.80 -16.94
C GLN B 166 14.87 -8.12 -15.76
N GLU B 167 15.35 -8.76 -14.70
CA GLU B 167 14.51 -9.02 -13.54
C GLU B 167 14.38 -7.76 -12.68
N THR B 168 13.37 -7.77 -11.82
CA THR B 168 13.04 -6.61 -11.02
C THR B 168 12.57 -7.05 -9.64
N ARG B 169 12.88 -6.25 -8.62
CA ARG B 169 12.50 -6.52 -7.25
C ARG B 169 12.03 -5.25 -6.57
N GLU B 170 11.21 -5.42 -5.54
CA GLU B 170 10.68 -4.34 -4.74
C GLU B 170 11.45 -4.24 -3.42
N ILE B 171 12.16 -3.13 -3.23
CA ILE B 171 12.91 -2.86 -2.01
C ILE B 171 12.13 -1.83 -1.21
N LEU B 172 12.04 -2.05 0.09
CA LEU B 172 11.42 -1.08 1.00
C LEU B 172 12.51 -0.29 1.68
N HIS B 173 12.34 1.03 1.71
CA HIS B 173 13.26 1.97 2.31
C HIS B 173 12.58 2.52 3.55
N PHE B 174 13.20 2.34 4.72
CA PHE B 174 12.68 2.90 5.97
C PHE B 174 13.65 3.99 6.43
N HIS B 175 13.23 5.25 6.34
CA HIS B 175 14.09 6.39 6.62
C HIS B 175 13.66 7.07 7.92
N TYR B 176 14.54 7.01 8.93
CA TYR B 176 14.33 7.65 10.22
C TYR B 176 15.05 8.99 10.17
N THR B 177 14.29 10.06 9.92
CA THR B 177 14.84 11.37 9.57
C THR B 177 15.17 12.28 10.74
N THR B 178 14.88 11.88 11.98
CA THR B 178 15.12 12.75 13.14
C THR B 178 16.27 12.27 14.02
N TRP B 179 16.92 11.15 13.68
CA TRP B 179 17.94 10.56 14.56
C TRP B 179 19.32 11.17 14.31
N PRO B 180 19.85 11.92 15.28
CA PRO B 180 21.08 12.67 15.05
C PRO B 180 22.35 11.89 15.33
N ALA B 181 23.38 12.18 14.54
CA ALA B 181 24.66 11.51 14.66
C ALA B 181 25.16 11.59 16.09
N PHE B 182 25.52 10.44 16.65
CA PHE B 182 25.90 10.31 18.04
C PHE B 182 24.74 10.66 18.97
N GLY B 183 23.55 10.80 18.42
CA GLY B 183 22.36 11.15 19.17
C GLY B 183 21.56 9.95 19.60
N VAL B 184 20.31 10.20 19.97
CA VAL B 184 19.35 9.15 20.34
C VAL B 184 18.00 9.48 19.75
N PRO B 185 17.21 8.47 19.42
CA PRO B 185 15.89 8.73 18.86
C PRO B 185 15.05 9.58 19.79
N GLU B 186 14.14 10.36 19.20
CA GLU B 186 13.37 11.33 19.96
C GLU B 186 12.79 10.72 21.23
N SER B 187 12.43 9.45 21.19
CA SER B 187 11.92 8.75 22.36
C SER B 187 11.99 7.26 22.08
N PRO B 188 11.90 6.42 23.12
CA PRO B 188 11.69 4.99 22.87
C PRO B 188 10.45 4.71 22.04
N ALA B 189 9.33 5.37 22.34
CA ALA B 189 8.11 5.11 21.58
C ALA B 189 8.34 5.33 20.09
N SER B 190 9.01 6.43 19.73
CA SER B 190 9.32 6.70 18.33
C SER B 190 10.16 5.59 17.72
N PHE B 191 11.18 5.13 18.45
CA PHE B 191 12.06 4.09 17.94
C PHE B 191 11.29 2.79 17.75
N LEU B 192 10.64 2.32 18.81
CA LEU B 192 9.97 1.03 18.75
C LEU B 192 8.95 1.02 17.62
N ASN B 193 8.15 2.08 17.51
CA ASN B 193 7.17 2.14 16.43
C ASN B 193 7.85 1.88 15.09
N PHE B 194 8.95 2.58 14.83
CA PHE B 194 9.70 2.42 13.59
C PHE B 194 10.08 0.97 13.37
N LEU B 195 10.81 0.39 14.33
CA LEU B 195 11.27 -0.99 14.23
C LEU B 195 10.12 -1.93 13.91
N PHE B 196 9.02 -1.81 14.63
CA PHE B 196 7.91 -2.73 14.44
C PHE B 196 7.33 -2.61 13.04
N LYS B 197 7.35 -1.40 12.49
CA LYS B 197 6.90 -1.25 11.11
C LYS B 197 7.82 -2.01 10.16
N VAL B 198 9.12 -2.02 10.45
CA VAL B 198 10.07 -2.76 9.62
C VAL B 198 9.81 -4.26 9.75
N ARG B 199 9.52 -4.73 10.95
CA ARG B 199 9.27 -6.15 11.11
C ARG B 199 8.06 -6.57 10.30
N GLU B 200 6.94 -5.87 10.50
CA GLU B 200 5.68 -6.26 9.86
C GLU B 200 5.81 -6.25 8.34
N SER B 201 6.60 -5.35 7.78
CA SER B 201 6.78 -5.35 6.34
C SER B 201 7.39 -6.66 5.85
N GLY B 202 7.93 -7.49 6.75
CA GLY B 202 8.54 -8.74 6.33
C GLY B 202 9.93 -8.61 5.74
N SER B 203 10.50 -7.40 5.75
CA SER B 203 11.85 -7.23 5.26
C SER B 203 12.87 -7.99 6.10
N LEU B 204 12.55 -8.25 7.36
CA LEU B 204 13.38 -9.03 8.25
C LEU B 204 13.14 -10.54 8.15
N SER B 205 12.12 -10.98 7.43
CA SER B 205 11.84 -12.40 7.39
C SER B 205 12.99 -13.16 6.75
N PRO B 206 13.32 -14.35 7.27
CA PRO B 206 14.42 -15.13 6.69
C PRO B 206 14.19 -15.50 5.26
N GLU B 207 12.97 -15.34 4.74
CA GLU B 207 12.72 -15.63 3.34
C GLU B 207 13.58 -14.75 2.44
N HIS B 208 13.97 -13.58 2.92
CA HIS B 208 14.81 -12.69 2.15
C HIS B 208 16.25 -12.73 2.66
N GLY B 209 17.12 -11.98 1.97
CA GLY B 209 18.47 -11.77 2.41
C GLY B 209 18.47 -10.98 3.69
N PRO B 210 19.63 -10.54 4.16
CA PRO B 210 19.65 -9.74 5.38
C PRO B 210 19.24 -8.34 5.03
N VAL B 211 18.45 -7.73 5.92
CA VAL B 211 18.11 -6.34 5.68
C VAL B 211 19.40 -5.55 5.73
N VAL B 212 19.48 -4.50 4.92
CA VAL B 212 20.63 -3.61 4.94
C VAL B 212 20.32 -2.45 5.88
N VAL B 213 21.19 -2.22 6.86
CA VAL B 213 21.02 -1.15 7.83
C VAL B 213 22.24 -0.25 7.78
N HIS B 214 22.01 1.07 7.74
CA HIS B 214 23.13 2.00 7.63
C HIS B 214 22.77 3.35 8.22
N ALA B 215 23.82 4.18 8.39
CA ALA B 215 23.78 5.56 8.85
C ALA B 215 24.98 6.16 8.13
N SER B 216 25.56 7.21 8.69
CA SER B 216 26.72 7.75 8.02
C SER B 216 27.87 6.77 8.06
N ALA B 217 28.08 6.12 9.19
CA ALA B 217 29.08 5.06 9.26
C ALA B 217 28.49 3.70 9.56
N GLY B 218 27.21 3.61 9.92
CA GLY B 218 26.62 2.31 10.13
C GLY B 218 27.28 1.53 11.24
N ILE B 219 27.53 2.18 12.37
CA ILE B 219 28.06 1.51 13.54
C ILE B 219 27.32 2.09 14.73
N GLY B 220 27.06 3.40 14.71
CA GLY B 220 26.48 4.04 15.89
C GLY B 220 24.96 3.94 16.00
N ARG B 221 24.24 4.67 15.14
CA ARG B 221 22.79 4.52 15.16
C ARG B 221 22.37 3.14 14.71
N SER B 222 23.00 2.62 13.65
CA SER B 222 22.61 1.31 13.15
C SER B 222 22.86 0.24 14.21
N GLY B 223 23.97 0.31 14.94
CA GLY B 223 24.21 -0.65 15.99
C GLY B 223 23.13 -0.62 17.05
N THR B 224 22.70 0.58 17.44
CA THR B 224 21.63 0.73 18.42
C THR B 224 20.34 0.09 17.91
N PHE B 225 20.09 0.20 16.60
CA PHE B 225 18.91 -0.41 15.99
C PHE B 225 18.95 -1.95 16.10
N CYS B 226 20.07 -2.55 15.69
CA CYS B 226 20.16 -4.02 15.69
C CYS B 226 20.15 -4.57 17.11
N LEU B 227 20.86 -3.90 18.03
CA LEU B 227 20.92 -4.37 19.40
C LEU B 227 19.53 -4.42 20.02
N ALA B 228 18.71 -3.41 19.72
CA ALA B 228 17.33 -3.45 20.18
C ALA B 228 16.60 -4.66 19.56
N ASP B 229 16.65 -4.78 18.23
CA ASP B 229 15.91 -5.86 17.58
C ASP B 229 16.35 -7.22 18.08
N THR B 230 17.66 -7.47 18.13
CA THR B 230 18.15 -8.80 18.48
C THR B 230 17.74 -9.18 19.89
N CYS B 231 17.91 -8.28 20.84
CA CYS B 231 17.54 -8.57 22.21
C CYS B 231 16.06 -8.95 22.30
N LEU B 232 15.19 -8.09 21.79
CA LEU B 232 13.76 -8.38 21.76
C LEU B 232 13.51 -9.67 21.03
N LEU B 233 14.25 -9.90 19.95
CA LEU B 233 14.14 -11.16 19.22
C LEU B 233 14.47 -12.34 20.11
N LEU B 234 15.44 -12.16 21.03
CA LEU B 234 15.84 -13.26 21.92
C LEU B 234 14.80 -13.52 23.01
N MET B 235 14.26 -12.47 23.63
CA MET B 235 13.38 -12.67 24.78
C MET B 235 12.20 -13.57 24.46
N ASP B 236 11.66 -13.48 23.24
CA ASP B 236 10.56 -14.38 22.89
C ASP B 236 11.01 -15.83 22.78
N LYS B 237 12.32 -16.07 22.83
CA LYS B 237 12.93 -17.38 22.59
C LYS B 237 13.42 -18.11 23.84
N ARG B 238 13.91 -17.37 24.86
CA ARG B 238 14.79 -17.94 25.89
C ARG B 238 14.05 -18.65 27.03
N LYS B 239 12.78 -18.37 27.25
CA LYS B 239 12.04 -18.99 28.34
C LYS B 239 12.44 -18.43 29.69
N ASP B 240 13.32 -17.44 29.68
CA ASP B 240 13.80 -16.75 30.86
C ASP B 240 14.24 -15.40 30.33
N PRO B 241 13.31 -14.63 29.77
CA PRO B 241 13.70 -13.38 29.10
C PRO B 241 14.69 -12.56 29.90
N SER B 242 14.69 -12.72 31.23
CA SER B 242 15.71 -12.07 32.05
C SER B 242 17.10 -12.53 31.65
N SER B 243 17.20 -13.71 31.08
CA SER B 243 18.49 -14.30 30.76
C SER B 243 19.29 -13.42 29.81
N VAL B 244 18.61 -12.57 29.05
CA VAL B 244 19.28 -11.76 28.05
C VAL B 244 20.13 -10.68 28.74
N ASP B 245 21.42 -10.68 28.43
CA ASP B 245 22.35 -9.67 28.95
C ASP B 245 22.69 -8.73 27.81
N ILE B 246 22.17 -7.50 27.86
CA ILE B 246 22.33 -6.59 26.73
C ILE B 246 23.81 -6.31 26.47
N LYS B 247 24.62 -6.25 27.52
CA LYS B 247 26.06 -6.10 27.30
C LYS B 247 26.61 -7.29 26.53
N LYS B 248 26.21 -8.50 26.91
CA LYS B 248 26.69 -9.72 26.24
C LYS B 248 26.34 -9.71 24.75
N VAL B 249 25.11 -9.31 24.43
CA VAL B 249 24.67 -9.27 23.04
C VAL B 249 25.47 -8.25 22.24
N LEU B 250 25.75 -7.09 22.85
CA LEU B 250 26.54 -6.09 22.15
C LEU B 250 27.94 -6.61 21.84
N LEU B 251 28.54 -7.35 22.79
CA LEU B 251 29.88 -7.91 22.56
C LEU B 251 29.87 -8.93 21.44
N GLU B 252 28.83 -9.77 21.39
CA GLU B 252 28.70 -10.76 20.32
C GLU B 252 28.57 -10.11 18.94
N MET B 253 27.81 -9.01 18.82
CA MET B 253 27.76 -8.31 17.54
C MET B 253 29.11 -7.74 17.17
N ARG B 254 29.77 -7.07 18.12
CA ARG B 254 31.05 -6.45 17.83
C ARG B 254 32.10 -7.45 17.32
N LYS B 255 31.79 -8.75 17.28
CA LYS B 255 32.66 -9.71 16.61
C LYS B 255 32.55 -9.62 15.09
N PHE B 256 31.53 -8.93 14.57
CA PHE B 256 31.30 -8.86 13.15
C PHE B 256 31.52 -7.47 12.56
N ARG B 257 31.31 -6.42 13.35
CA ARG B 257 31.61 -5.06 12.91
C ARG B 257 32.04 -4.25 14.11
N MET B 258 33.05 -3.40 13.90
CA MET B 258 33.68 -2.65 14.98
C MET B 258 32.80 -1.50 15.46
N GLY B 259 32.95 -1.20 16.75
CA GLY B 259 32.41 0.03 17.32
C GLY B 259 30.91 0.19 17.24
N LEU B 260 30.16 -0.91 17.23
CA LEU B 260 28.71 -0.78 17.31
C LEU B 260 28.33 -0.02 18.58
N ILE B 261 27.39 0.91 18.43
CA ILE B 261 27.01 1.84 19.49
C ILE B 261 28.18 2.79 19.71
N ALA B 262 27.94 4.10 19.59
CA ALA B 262 29.03 5.06 19.54
C ALA B 262 29.17 5.91 20.79
N THR B 263 28.11 6.04 21.59
CA THR B 263 28.10 6.87 22.80
C THR B 263 27.47 6.09 23.94
N ALA B 264 27.90 6.41 25.17
CA ALA B 264 27.25 5.81 26.34
C ALA B 264 25.75 6.07 26.35
N ASP B 265 25.32 7.23 25.82
CA ASP B 265 23.89 7.49 25.74
C ASP B 265 23.22 6.51 24.78
N GLN B 266 23.75 6.39 23.56
CA GLN B 266 23.25 5.40 22.62
C GLN B 266 23.16 4.04 23.29
N LEU B 267 24.21 3.65 24.02
CA LEU B 267 24.18 2.43 24.80
C LEU B 267 23.03 2.42 25.79
N ARG B 268 22.85 3.54 26.49
CA ARG B 268 21.76 3.62 27.46
C ARG B 268 20.40 3.48 26.78
N PHE B 269 20.21 4.18 25.65
CA PHE B 269 18.91 4.11 24.99
C PHE B 269 18.59 2.67 24.61
N SER B 270 19.58 1.92 24.13
CA SER B 270 19.32 0.53 23.80
C SER B 270 18.67 -0.18 24.99
N TYR B 271 19.18 0.09 26.19
CA TYR B 271 18.58 -0.50 27.39
C TYR B 271 17.13 -0.09 27.53
N LEU B 272 16.85 1.21 27.53
CA LEU B 272 15.47 1.63 27.73
C LEU B 272 14.58 1.15 26.60
N ALA B 273 15.10 1.19 25.37
CA ALA B 273 14.30 0.75 24.23
C ALA B 273 13.92 -0.72 24.36
N VAL B 274 14.88 -1.56 24.74
CA VAL B 274 14.56 -2.97 24.96
C VAL B 274 13.53 -3.10 26.07
N ILE B 275 13.71 -2.31 27.13
CA ILE B 275 12.87 -2.44 28.31
C ILE B 275 11.40 -2.23 27.98
N GLU B 276 11.09 -1.10 27.32
CA GLU B 276 9.69 -0.80 26.97
C GLU B 276 9.17 -1.76 25.90
N GLY B 277 10.01 -2.13 24.93
CA GLY B 277 9.59 -3.08 23.92
C GLY B 277 9.30 -4.44 24.49
N ALA B 278 9.97 -4.81 25.58
CA ALA B 278 9.64 -6.04 26.27
C ALA B 278 8.19 -6.08 26.70
N LYS B 279 7.56 -4.89 26.86
CA LYS B 279 6.17 -4.85 27.31
C LYS B 279 5.25 -5.57 26.34
N PHE B 280 5.44 -5.39 25.02
CA PHE B 280 4.68 -6.20 24.08
C PHE B 280 5.10 -7.67 24.21
N ILE B 281 6.40 -7.93 24.20
CA ILE B 281 6.88 -9.31 24.29
C ILE B 281 6.42 -9.94 25.60
N MET B 282 6.57 -9.20 26.70
CA MET B 282 6.21 -9.72 28.01
C MET B 282 4.70 -9.93 28.11
N GLY B 283 3.89 -8.96 27.66
CA GLY B 283 2.45 -9.10 27.74
C GLY B 283 1.59 -7.85 27.58
N ASP B 284 1.92 -6.76 28.27
CA ASP B 284 1.11 -5.54 28.21
C ASP B 284 0.84 -5.12 26.76
N SER B 285 -0.25 -4.36 26.60
CA SER B 285 -0.79 -3.94 25.31
C SER B 285 0.22 -3.68 24.19
N GLN B 288 -0.28 -3.30 20.49
CA GLN B 288 0.85 -2.74 19.75
C GLN B 288 0.55 -1.33 19.23
N ASP B 289 -0.70 -1.10 18.84
CA ASP B 289 -1.07 0.18 18.24
C ASP B 289 -0.84 1.36 19.18
N GLN B 290 -0.66 1.11 20.48
CA GLN B 290 -0.50 2.20 21.43
C GLN B 290 0.73 3.02 21.09
N TRP B 291 1.83 2.36 20.73
CA TRP B 291 3.03 3.09 20.34
C TRP B 291 2.72 4.04 19.20
N LYS B 292 1.77 3.67 18.32
CA LYS B 292 1.34 4.57 17.26
C LYS B 292 0.81 5.87 17.85
N GLU B 293 0.07 5.78 18.96
CA GLU B 293 -0.47 6.98 19.60
C GLU B 293 0.66 7.79 20.24
N LEU B 294 1.48 7.14 21.06
CA LEU B 294 2.53 7.89 21.75
C LEU B 294 3.59 8.41 20.80
N SER B 295 3.72 7.81 19.61
CA SER B 295 4.70 8.30 18.65
C SER B 295 4.27 9.63 18.02
N HIS B 296 2.96 9.87 17.94
CA HIS B 296 2.41 11.03 17.25
C HIS B 296 2.94 11.07 15.81
N GLU B 297 2.76 9.94 15.13
CA GLU B 297 3.34 9.73 13.80
C GLU B 297 2.69 10.62 12.73
N ASP B 298 1.45 11.07 12.95
CA ASP B 298 0.65 11.70 11.91
C ASP B 298 0.81 13.22 11.92
N LEU B 299 1.06 13.78 10.74
CA LEU B 299 1.21 15.22 10.53
C LEU B 299 1.93 15.49 9.20
N GLU C 4 -31.36 5.03 9.82
CA GLU C 4 -30.49 4.20 8.95
C GLU C 4 -29.31 4.89 8.10
N LYS C 5 -29.61 6.02 7.45
CA LYS C 5 -28.73 6.91 6.68
C LYS C 5 -27.36 6.38 6.20
N GLU C 6 -26.84 5.39 6.92
CA GLU C 6 -25.59 4.71 6.59
C GLU C 6 -25.62 4.11 5.21
N PHE C 7 -26.78 3.69 4.75
CA PHE C 7 -26.84 3.31 3.35
C PHE C 7 -26.67 4.56 2.50
N GLU C 8 -27.17 5.70 2.97
CA GLU C 8 -27.02 6.97 2.26
C GLU C 8 -25.66 7.63 2.50
N GLN C 9 -25.26 7.76 3.77
CA GLN C 9 -24.49 8.93 4.16
C GLN C 9 -23.04 8.67 4.55
N ILE C 10 -22.78 7.76 5.48
CA ILE C 10 -21.39 7.54 5.85
C ILE C 10 -20.60 7.08 4.62
N ASP C 11 -21.24 6.35 3.68
CA ASP C 11 -20.57 5.92 2.45
C ASP C 11 -20.42 7.04 1.44
N LYS C 12 -21.38 7.97 1.46
CA LYS C 12 -21.32 9.12 0.58
C LYS C 12 -20.03 9.90 0.81
N SER C 13 -19.67 10.15 2.08
CA SER C 13 -18.41 10.79 2.41
C SER C 13 -17.21 9.87 2.20
N GLY C 14 -17.45 8.57 1.98
CA GLY C 14 -16.34 7.63 1.85
C GLY C 14 -15.35 7.66 2.99
N SER C 15 -15.83 7.79 4.21
CA SER C 15 -15.00 7.84 5.41
C SER C 15 -14.96 6.52 6.15
N TRP C 16 -15.49 5.45 5.55
CA TRP C 16 -15.47 4.16 6.23
C TRP C 16 -14.08 3.81 6.72
N ALA C 17 -13.07 3.92 5.85
CA ALA C 17 -11.72 3.61 6.33
C ALA C 17 -11.34 4.49 7.53
N ALA C 18 -11.86 5.72 7.59
CA ALA C 18 -11.62 6.60 8.73
C ALA C 18 -12.26 6.05 9.99
N ILE C 19 -13.50 5.58 9.89
CA ILE C 19 -14.13 5.02 11.08
C ILE C 19 -13.28 3.88 11.64
N TYR C 20 -12.73 3.03 10.76
CA TYR C 20 -11.83 1.97 11.22
C TYR C 20 -10.62 2.57 11.95
N GLN C 21 -10.09 3.70 11.42
CA GLN C 21 -9.00 4.44 12.06
C GLN C 21 -9.45 5.02 13.40
N ASP C 22 -10.67 5.57 13.47
CA ASP C 22 -11.16 6.04 14.75
C ASP C 22 -11.31 4.89 15.72
N ILE C 23 -11.95 3.81 15.28
CA ILE C 23 -12.18 2.63 16.10
C ILE C 23 -10.87 2.04 16.58
N ARG C 24 -9.85 2.01 15.72
CA ARG C 24 -8.56 1.43 16.11
C ARG C 24 -7.93 2.19 17.26
N HIS C 25 -8.00 3.53 17.23
CA HIS C 25 -7.40 4.35 18.26
C HIS C 25 -8.20 4.28 19.57
N GLU C 26 -9.52 4.41 19.48
CA GLU C 26 -10.36 4.39 20.66
C GLU C 26 -10.51 3.00 21.26
N ALA C 27 -10.06 1.95 20.56
CA ALA C 27 -10.23 0.59 21.03
C ALA C 27 -9.36 0.31 22.26
N SER C 28 -9.88 -0.53 23.15
CA SER C 28 -9.21 -0.84 24.40
C SER C 28 -7.91 -1.61 24.14
N ASP C 29 -7.05 -1.62 25.18
CA ASP C 29 -5.71 -2.22 25.12
C ASP C 29 -5.37 -2.86 26.47
N PHE C 30 -5.85 -4.10 26.69
CA PHE C 30 -5.56 -4.82 27.93
C PHE C 30 -4.32 -5.70 27.75
N PRO C 31 -3.68 -6.10 28.84
CA PRO C 31 -2.49 -6.95 28.74
C PRO C 31 -2.82 -8.40 28.40
N CYS C 32 -1.81 -9.09 27.85
CA CYS C 32 -1.88 -10.50 27.44
C CYS C 32 -0.69 -11.27 28.02
N ARG C 33 -0.62 -11.35 29.36
CA ARG C 33 0.56 -11.93 29.98
C ARG C 33 0.71 -13.43 29.68
N VAL C 34 -0.34 -14.23 29.82
CA VAL C 34 -0.14 -15.68 29.62
C VAL C 34 0.23 -16.00 28.21
N ALA C 35 -0.46 -15.38 27.27
CA ALA C 35 -0.30 -15.82 25.91
C ALA C 35 1.12 -15.65 25.50
N LYS C 36 1.79 -14.63 26.04
CA LYS C 36 3.18 -14.36 25.71
C LYS C 36 4.13 -15.14 26.56
N LEU C 37 3.63 -15.95 27.49
CA LEU C 37 4.53 -16.82 28.20
C LEU C 37 5.26 -17.67 27.18
N PRO C 38 6.54 -17.95 27.37
CA PRO C 38 7.21 -18.86 26.46
C PRO C 38 6.51 -20.21 26.41
N LYS C 39 5.95 -20.67 27.53
CA LYS C 39 5.30 -21.98 27.52
C LYS C 39 4.13 -22.04 26.55
N ASN C 40 3.55 -20.88 26.22
CA ASN C 40 2.40 -20.76 25.31
C ASN C 40 2.77 -20.12 23.97
N LYS C 41 4.05 -20.11 23.60
CA LYS C 41 4.45 -19.50 22.33
C LYS C 41 3.84 -20.21 21.13
N ASN C 42 3.77 -21.54 21.18
CA ASN C 42 3.38 -22.37 20.03
C ASN C 42 1.89 -22.70 20.00
N ARG C 43 1.13 -22.23 20.97
CA ARG C 43 -0.31 -22.33 20.96
C ARG C 43 -0.95 -21.12 20.29
N ASN C 44 -0.13 -20.23 19.72
CA ASN C 44 -0.57 -19.00 19.08
C ASN C 44 -0.23 -19.04 17.61
N ARG C 45 -1.23 -18.80 16.75
CA ARG C 45 -0.96 -18.79 15.31
C ARG C 45 -0.30 -17.50 14.85
N TYR C 46 -0.71 -16.36 15.42
CA TYR C 46 -0.21 -15.07 14.98
C TYR C 46 0.36 -14.31 16.17
N ARG C 47 1.46 -13.59 15.92
CA ARG C 47 2.07 -12.81 16.98
C ARG C 47 1.15 -11.69 17.46
N ASP C 48 0.42 -11.07 16.53
CA ASP C 48 -0.30 -9.84 16.84
C ASP C 48 -1.76 -10.03 17.23
N VAL C 49 -2.32 -11.24 17.12
CA VAL C 49 -3.68 -11.50 17.58
C VAL C 49 -3.57 -12.35 18.83
N SER C 50 -3.92 -11.78 19.98
CA SER C 50 -3.78 -12.44 21.27
C SER C 50 -4.99 -12.14 22.15
N PRO C 51 -5.25 -13.00 23.13
CA PRO C 51 -6.38 -12.76 24.04
C PRO C 51 -5.98 -12.02 25.30
N PHE C 52 -6.77 -10.99 25.63
CA PHE C 52 -6.61 -10.32 26.91
C PHE C 52 -6.73 -11.35 28.03
N ASP C 53 -5.93 -11.19 29.07
CA ASP C 53 -6.04 -12.10 30.21
C ASP C 53 -7.43 -12.13 30.81
N HIS C 54 -8.22 -11.05 30.61
CA HIS C 54 -9.51 -10.94 31.28
C HIS C 54 -10.56 -11.89 30.71
N SER C 55 -10.57 -12.14 29.39
CA SER C 55 -11.56 -13.02 28.79
C SER C 55 -10.96 -14.30 28.22
N ARG C 56 -9.66 -14.51 28.46
CA ARG C 56 -8.98 -15.70 27.97
C ARG C 56 -9.68 -16.91 28.57
N ILE C 57 -10.03 -17.86 27.72
CA ILE C 57 -10.66 -19.07 28.22
C ILE C 57 -9.62 -19.90 28.95
N LYS C 58 -10.10 -20.74 29.87
CA LYS C 58 -9.28 -21.62 30.68
C LYS C 58 -9.77 -23.05 30.50
N LEU C 59 -8.83 -23.99 30.48
CA LEU C 59 -9.12 -25.41 30.27
C LEU C 59 -9.30 -26.13 31.60
N HIS C 60 -10.41 -26.88 31.75
CA HIS C 60 -10.62 -27.59 33.00
C HIS C 60 -9.46 -28.53 33.29
N GLN C 61 -8.77 -28.98 32.24
CA GLN C 61 -7.54 -29.74 32.46
C GLN C 61 -6.49 -28.76 32.95
N GLU C 62 -5.55 -29.21 33.78
CA GLU C 62 -4.67 -28.24 34.45
C GLU C 62 -3.15 -28.26 34.22
N ASP C 63 -2.56 -29.24 33.52
CA ASP C 63 -1.10 -29.21 33.42
C ASP C 63 -0.63 -27.86 32.87
N ASN C 64 -1.19 -27.49 31.73
CA ASN C 64 -0.99 -26.19 31.11
C ASN C 64 -2.38 -25.73 30.71
N ASP C 65 -2.63 -24.42 30.78
CA ASP C 65 -4.00 -23.92 30.58
C ASP C 65 -4.22 -23.07 29.34
N TYR C 66 -3.23 -22.86 28.47
CA TYR C 66 -3.44 -21.85 27.42
C TYR C 66 -4.16 -22.37 26.20
N ILE C 67 -5.22 -21.67 25.85
CA ILE C 67 -5.91 -21.80 24.59
C ILE C 67 -6.11 -20.38 24.14
N ASN C 68 -5.83 -20.11 22.87
CA ASN C 68 -5.97 -18.77 22.35
C ASN C 68 -7.46 -18.52 22.14
N ALA C 69 -8.15 -18.24 23.24
CA ALA C 69 -9.60 -18.05 23.23
C ALA C 69 -10.01 -16.91 24.16
N SER C 70 -10.95 -16.10 23.68
CA SER C 70 -11.50 -15.00 24.45
C SER C 70 -13.01 -15.13 24.44
N LEU C 71 -13.63 -14.96 25.61
CA LEU C 71 -15.08 -15.08 25.72
C LEU C 71 -15.70 -13.71 25.59
N ILE C 72 -16.25 -13.42 24.41
CA ILE C 72 -17.02 -12.20 24.22
C ILE C 72 -18.29 -12.28 25.06
N LYS C 73 -18.54 -11.25 25.88
CA LYS C 73 -19.71 -11.24 26.74
C LYS C 73 -20.50 -9.97 26.49
N MET C 74 -21.79 -10.14 26.21
CA MET C 74 -22.72 -9.05 25.89
C MET C 74 -23.99 -9.26 26.72
N GLU C 75 -24.04 -8.74 27.97
CA GLU C 75 -25.15 -9.05 28.87
C GLU C 75 -26.44 -8.36 28.44
N GLU C 76 -26.30 -7.15 27.90
CA GLU C 76 -27.44 -6.35 27.51
C GLU C 76 -28.14 -6.91 26.27
N ALA C 77 -27.38 -7.34 25.28
CA ALA C 77 -27.99 -7.93 24.09
C ALA C 77 -28.51 -9.33 24.40
N GLN C 78 -28.04 -9.91 25.50
CA GLN C 78 -28.45 -11.18 26.05
C GLN C 78 -27.74 -12.35 25.39
N ARG C 79 -26.57 -12.13 24.79
CA ARG C 79 -25.90 -13.23 24.10
C ARG C 79 -24.39 -13.21 24.32
N SER C 80 -23.81 -14.40 24.43
CA SER C 80 -22.36 -14.54 24.51
C SER C 80 -21.90 -15.51 23.44
N TYR C 81 -20.74 -15.25 22.85
CA TYR C 81 -20.16 -16.12 21.84
C TYR C 81 -18.67 -16.22 22.10
N ILE C 82 -18.06 -17.35 21.74
CA ILE C 82 -16.64 -17.59 21.98
C ILE C 82 -15.87 -17.50 20.67
N LEU C 83 -15.00 -16.48 20.57
CA LEU C 83 -14.17 -16.22 19.39
C LEU C 83 -12.74 -16.70 19.57
N THR C 84 -12.19 -17.32 18.52
CA THR C 84 -10.84 -17.87 18.59
C THR C 84 -10.24 -17.97 17.19
N GLN C 85 -8.95 -18.26 17.16
CA GLN C 85 -8.17 -18.53 15.96
C GLN C 85 -8.54 -19.90 15.37
N GLY C 86 -8.14 -20.11 14.12
CA GLY C 86 -8.16 -21.44 13.57
C GLY C 86 -7.13 -22.32 14.26
N PRO C 87 -7.53 -23.50 14.72
CA PRO C 87 -6.61 -24.35 15.50
C PRO C 87 -5.35 -24.71 14.71
N LEU C 88 -4.29 -25.02 15.46
CA LEU C 88 -3.00 -25.44 14.92
C LEU C 88 -2.82 -26.93 15.12
N PRO C 89 -1.87 -27.55 14.40
CA PRO C 89 -1.65 -29.00 14.52
C PRO C 89 -1.52 -29.53 15.94
N ASN C 90 -1.09 -28.65 16.86
CA ASN C 90 -0.89 -29.03 18.25
C ASN C 90 -1.93 -28.46 19.20
N THR C 91 -2.77 -27.55 18.73
CA THR C 91 -3.83 -27.00 19.57
C THR C 91 -5.18 -27.58 19.21
N CYS C 92 -5.21 -28.64 18.41
CA CYS C 92 -6.49 -29.25 18.01
C CYS C 92 -7.18 -29.93 19.18
N GLY C 93 -6.40 -30.65 20.02
CA GLY C 93 -6.98 -31.25 21.22
C GLY C 93 -7.46 -30.21 22.22
N HIS C 94 -6.73 -29.09 22.32
CA HIS C 94 -7.15 -27.99 23.19
C HIS C 94 -8.51 -27.47 22.78
N PHE C 95 -8.73 -27.35 21.46
CA PHE C 95 -9.97 -26.80 20.93
C PHE C 95 -11.21 -27.56 21.43
N TRP C 96 -11.23 -28.89 21.23
CA TRP C 96 -12.42 -29.67 21.55
C TRP C 96 -12.63 -29.87 23.04
N GLU C 97 -11.54 -29.91 23.82
CA GLU C 97 -11.68 -29.81 25.27
C GLU C 97 -12.33 -28.49 25.68
N MET C 98 -11.98 -27.39 25.01
CA MET C 98 -12.60 -26.12 25.33
C MET C 98 -14.13 -26.19 25.18
N VAL C 99 -14.61 -26.77 24.08
CA VAL C 99 -16.06 -26.85 23.87
C VAL C 99 -16.74 -27.67 24.96
N TRP C 100 -16.11 -28.79 25.34
CA TRP C 100 -16.73 -29.70 26.29
C TRP C 100 -17.04 -28.94 27.58
N GLU C 101 -16.07 -28.19 28.07
CA GLU C 101 -16.27 -27.42 29.31
C GLU C 101 -17.26 -26.27 29.12
N GLN C 102 -17.25 -25.59 27.97
CA GLN C 102 -18.22 -24.51 27.79
C GLN C 102 -19.60 -25.04 27.41
N LYS C 103 -19.76 -26.37 27.35
CA LYS C 103 -21.02 -27.04 27.04
C LYS C 103 -21.66 -26.39 25.82
N SER C 104 -20.80 -25.94 24.92
CA SER C 104 -21.25 -25.20 23.75
C SER C 104 -21.93 -26.13 22.75
N ARG C 105 -22.85 -25.57 21.98
CA ARG C 105 -23.61 -26.34 21.00
C ARG C 105 -23.13 -26.15 19.57
N GLY C 106 -22.50 -25.03 19.24
CA GLY C 106 -22.15 -24.74 17.87
C GLY C 106 -20.74 -24.20 17.70
N VAL C 107 -20.18 -24.51 16.54
CA VAL C 107 -18.89 -23.97 16.11
C VAL C 107 -19.07 -23.42 14.70
N VAL C 108 -18.67 -22.17 14.48
CA VAL C 108 -18.81 -21.55 13.17
C VAL C 108 -17.43 -21.14 12.67
N MET C 109 -17.03 -21.72 11.53
CA MET C 109 -15.76 -21.44 10.86
C MET C 109 -16.05 -20.67 9.59
N LEU C 110 -15.36 -19.53 9.41
CA LEU C 110 -15.61 -18.69 8.24
C LEU C 110 -14.47 -18.76 7.23
N ASN C 111 -13.42 -19.54 7.49
CA ASN C 111 -12.31 -19.69 6.57
C ASN C 111 -12.23 -21.12 6.05
N ARG C 112 -11.96 -21.27 4.75
CA ARG C 112 -11.63 -22.58 4.20
C ARG C 112 -10.25 -22.98 4.70
N VAL C 113 -10.04 -24.28 4.91
CA VAL C 113 -8.80 -24.73 5.53
C VAL C 113 -7.56 -24.23 4.80
N MET C 114 -7.64 -24.07 3.48
CA MET C 114 -6.55 -23.55 2.66
C MET C 114 -7.01 -22.26 2.00
N GLU C 115 -6.23 -21.18 2.15
CA GLU C 115 -6.65 -19.92 1.53
C GLU C 115 -5.47 -19.20 0.90
N LYS C 116 -5.69 -18.70 -0.32
CA LYS C 116 -4.70 -17.92 -1.08
C LYS C 116 -3.32 -18.58 -1.05
N GLY C 117 -3.30 -19.86 -1.41
CA GLY C 117 -2.06 -20.59 -1.59
C GLY C 117 -1.22 -20.78 -0.34
N SER C 118 -1.71 -20.31 0.81
CA SER C 118 -1.03 -20.52 2.07
C SER C 118 -2.03 -21.09 3.07
N LEU C 119 -1.55 -21.96 3.96
CA LEU C 119 -2.42 -22.68 4.88
C LEU C 119 -2.82 -21.76 6.03
N LYS C 120 -4.10 -21.46 6.14
CA LYS C 120 -4.60 -20.64 7.23
C LYS C 120 -5.05 -21.46 8.43
N CYS C 121 -5.30 -22.77 8.27
CA CYS C 121 -5.83 -23.57 9.38
C CYS C 121 -5.49 -25.05 9.21
N ALA C 122 -5.94 -25.83 10.18
CA ALA C 122 -5.77 -27.27 10.23
C ALA C 122 -7.08 -28.00 9.94
N GLN C 123 -6.95 -29.27 9.54
CA GLN C 123 -8.10 -30.16 9.39
C GLN C 123 -8.44 -30.78 10.75
N TYR C 124 -9.18 -30.01 11.56
CA TYR C 124 -9.53 -30.44 12.91
C TYR C 124 -10.89 -31.08 12.98
N TRP C 125 -11.57 -31.24 11.84
CA TRP C 125 -12.81 -31.98 11.77
C TRP C 125 -12.63 -33.05 10.70
N PRO C 126 -12.93 -34.30 11.00
CA PRO C 126 -12.73 -35.34 9.98
C PRO C 126 -13.69 -35.16 8.82
N GLN C 127 -13.16 -35.34 7.62
CA GLN C 127 -13.96 -35.14 6.43
C GLN C 127 -14.66 -36.41 6.01
N LYS C 128 -14.40 -37.52 6.69
CA LYS C 128 -14.98 -38.80 6.32
C LYS C 128 -15.57 -39.50 7.52
N GLU C 129 -16.79 -40.03 7.34
CA GLU C 129 -17.49 -40.74 8.40
C GLU C 129 -16.68 -41.90 8.93
N GLU C 130 -15.77 -42.44 8.12
CA GLU C 130 -14.94 -43.58 8.46
C GLU C 130 -13.61 -43.17 9.06
N LYS C 131 -13.33 -41.87 9.07
CA LYS C 131 -12.10 -41.30 9.60
C LYS C 131 -12.42 -40.56 10.91
N GLU C 132 -12.72 -41.36 11.93
CA GLU C 132 -12.85 -40.81 13.26
C GLU C 132 -11.57 -40.08 13.63
N MET C 133 -11.72 -38.98 14.39
CA MET C 133 -10.61 -38.20 14.91
C MET C 133 -10.58 -38.34 16.42
N ILE C 134 -9.39 -38.62 16.97
CA ILE C 134 -9.24 -38.81 18.42
C ILE C 134 -7.88 -38.27 18.85
N PHE C 135 -7.89 -37.36 19.85
CA PHE C 135 -6.69 -36.70 20.37
C PHE C 135 -6.23 -37.44 21.63
N GLU C 136 -5.06 -38.09 21.55
CA GLU C 136 -4.59 -38.87 22.69
C GLU C 136 -4.36 -37.97 23.90
N ASP C 137 -3.87 -36.76 23.65
CA ASP C 137 -3.55 -35.84 24.73
C ASP C 137 -4.78 -35.45 25.54
N THR C 138 -5.89 -35.14 24.87
CA THR C 138 -7.09 -34.57 25.51
C THR C 138 -8.24 -35.56 25.78
N ASN C 139 -8.08 -36.86 25.50
CA ASN C 139 -9.10 -37.84 25.92
C ASN C 139 -10.48 -37.52 25.30
N LEU C 140 -10.53 -37.44 23.97
CA LEU C 140 -11.76 -37.13 23.23
C LEU C 140 -11.82 -37.93 21.94
N LYS C 141 -13.03 -38.17 21.45
CA LYS C 141 -13.26 -38.85 20.18
C LYS C 141 -14.23 -38.00 19.39
N LEU C 142 -13.88 -37.67 18.15
CA LEU C 142 -14.72 -36.80 17.33
C LEU C 142 -14.87 -37.40 15.94
N THR C 143 -16.11 -37.78 15.60
CA THR C 143 -16.43 -38.45 14.34
C THR C 143 -17.44 -37.66 13.51
N LEU C 144 -17.32 -37.76 12.19
CA LEU C 144 -18.26 -37.11 11.29
C LEU C 144 -19.49 -38.00 11.16
N ILE C 145 -20.67 -37.39 11.27
CA ILE C 145 -21.95 -38.09 11.30
C ILE C 145 -22.65 -37.96 9.95
N SER C 146 -22.95 -36.72 9.58
CA SER C 146 -23.62 -36.40 8.34
C SER C 146 -23.31 -34.95 8.01
N GLU C 147 -23.35 -34.62 6.71
CA GLU C 147 -23.01 -33.28 6.28
C GLU C 147 -23.88 -32.88 5.11
N ASP C 148 -24.26 -31.59 5.09
CA ASP C 148 -25.04 -31.02 4.02
C ASP C 148 -24.17 -29.96 3.36
N ILE C 149 -23.89 -30.12 2.07
CA ILE C 149 -22.94 -29.26 1.38
C ILE C 149 -23.68 -28.37 0.39
N LYS C 150 -23.45 -27.06 0.49
CA LYS C 150 -23.98 -26.06 -0.41
C LYS C 150 -22.82 -25.27 -1.00
N SER C 151 -23.15 -24.42 -1.98
CA SER C 151 -22.12 -23.70 -2.72
C SER C 151 -21.26 -22.80 -1.83
N TYR C 152 -21.87 -22.07 -0.89
CA TYR C 152 -21.08 -21.13 -0.10
C TYR C 152 -20.98 -21.47 1.38
N TYR C 153 -21.76 -22.44 1.88
CA TYR C 153 -21.57 -22.92 3.24
C TYR C 153 -21.85 -24.42 3.29
N THR C 154 -21.35 -25.06 4.36
CA THR C 154 -21.54 -26.49 4.59
C THR C 154 -21.88 -26.65 6.07
N VAL C 155 -22.90 -27.47 6.36
CA VAL C 155 -23.41 -27.63 7.72
C VAL C 155 -23.24 -29.06 8.20
N ARG C 156 -22.02 -29.47 8.48
CA ARG C 156 -21.77 -30.82 8.97
C ARG C 156 -22.37 -31.01 10.36
N GLN C 157 -22.41 -32.27 10.80
CA GLN C 157 -22.91 -32.62 12.12
C GLN C 157 -21.92 -33.58 12.75
N LEU C 158 -21.35 -33.18 13.88
CA LEU C 158 -20.24 -33.89 14.50
C LEU C 158 -20.68 -34.54 15.79
N GLU C 159 -20.00 -35.62 16.16
CA GLU C 159 -20.26 -36.31 17.42
C GLU C 159 -18.98 -36.33 18.24
N LEU C 160 -18.95 -35.49 19.27
CA LEU C 160 -17.84 -35.42 20.21
C LEU C 160 -18.18 -36.23 21.45
N GLU C 161 -17.24 -37.04 21.92
CA GLU C 161 -17.44 -37.91 23.05
C GLU C 161 -16.18 -37.95 23.90
N ASN C 162 -16.37 -38.01 25.21
CA ASN C 162 -15.27 -38.15 26.14
C ASN C 162 -14.99 -39.64 26.28
N LEU C 163 -13.81 -40.07 25.83
CA LEU C 163 -13.46 -41.48 25.91
C LEU C 163 -13.48 -42.00 27.34
N THR C 164 -13.36 -41.11 28.33
CA THR C 164 -13.37 -41.51 29.74
C THR C 164 -14.79 -41.59 30.34
N THR C 165 -15.51 -40.46 30.44
CA THR C 165 -16.81 -40.50 31.10
C THR C 165 -17.90 -41.10 30.22
N GLN C 166 -17.65 -41.17 28.91
CA GLN C 166 -18.55 -41.75 27.92
C GLN C 166 -19.74 -40.85 27.57
N GLU C 167 -19.75 -39.60 28.02
CA GLU C 167 -20.88 -38.73 27.67
C GLU C 167 -20.78 -38.31 26.22
N THR C 168 -21.92 -37.91 25.66
CA THR C 168 -21.94 -37.54 24.24
C THR C 168 -22.92 -36.40 24.01
N ARG C 169 -22.54 -35.56 23.05
CA ARG C 169 -23.24 -34.34 22.67
C ARG C 169 -23.20 -34.18 21.15
N GLU C 170 -24.17 -33.43 20.58
CA GLU C 170 -24.18 -33.13 19.14
C GLU C 170 -23.66 -31.72 18.94
N ILE C 171 -22.49 -31.58 18.32
CA ILE C 171 -21.96 -30.27 17.98
C ILE C 171 -22.18 -30.07 16.50
N LEU C 172 -22.61 -28.87 16.13
CA LEU C 172 -22.81 -28.49 14.75
C LEU C 172 -21.68 -27.60 14.26
N HIS C 173 -21.21 -27.87 13.05
CA HIS C 173 -20.15 -27.09 12.41
C HIS C 173 -20.76 -26.34 11.23
N PHE C 174 -20.66 -25.00 11.24
CA PHE C 174 -21.13 -24.14 10.14
C PHE C 174 -19.95 -23.50 9.43
N HIS C 175 -19.69 -23.94 8.19
CA HIS C 175 -18.50 -23.58 7.43
C HIS C 175 -18.88 -22.70 6.25
N TYR C 176 -18.41 -21.45 6.27
CA TYR C 176 -18.65 -20.48 5.20
C TYR C 176 -17.44 -20.56 4.27
N THR C 177 -17.58 -21.32 3.19
CA THR C 177 -16.47 -21.71 2.33
C THR C 177 -16.18 -20.71 1.22
N THR C 178 -16.92 -19.62 1.12
CA THR C 178 -16.68 -18.59 0.11
C THR C 178 -16.17 -17.29 0.68
N TRP C 179 -16.03 -17.20 2.00
CA TRP C 179 -15.67 -15.91 2.62
C TRP C 179 -14.17 -15.71 2.55
N PRO C 180 -13.67 -14.72 1.81
CA PRO C 180 -12.23 -14.59 1.62
C PRO C 180 -11.62 -13.82 2.78
N ALA C 181 -10.41 -14.24 3.17
CA ALA C 181 -9.69 -13.58 4.25
C ALA C 181 -9.56 -12.09 3.99
N PHE C 182 -9.93 -11.30 4.99
CA PHE C 182 -9.95 -9.85 4.85
C PHE C 182 -10.94 -9.39 3.80
N GLY C 183 -11.77 -10.30 3.29
CA GLY C 183 -12.74 -9.99 2.28
C GLY C 183 -14.11 -9.74 2.86
N VAL C 184 -15.12 -9.83 2.00
CA VAL C 184 -16.52 -9.72 2.43
C VAL C 184 -17.35 -10.72 1.68
N PRO C 185 -18.39 -11.25 2.34
CA PRO C 185 -19.28 -12.23 1.68
C PRO C 185 -19.90 -11.68 0.41
N GLU C 186 -20.26 -12.63 -0.46
CA GLU C 186 -20.76 -12.31 -1.80
C GLU C 186 -21.83 -11.25 -1.79
N SER C 187 -22.68 -11.21 -0.76
CA SER C 187 -23.74 -10.21 -0.71
C SER C 187 -24.27 -10.15 0.72
N PRO C 188 -25.05 -9.10 1.04
CA PRO C 188 -25.77 -9.13 2.32
C PRO C 188 -26.69 -10.33 2.43
N ALA C 189 -27.45 -10.63 1.38
CA ALA C 189 -28.36 -11.77 1.41
C ALA C 189 -27.64 -13.06 1.78
N SER C 190 -26.45 -13.30 1.18
CA SER C 190 -25.70 -14.51 1.48
C SER C 190 -25.35 -14.60 2.96
N PHE C 191 -24.88 -13.50 3.56
CA PHE C 191 -24.51 -13.54 4.97
C PHE C 191 -25.72 -13.83 5.86
N LEU C 192 -26.78 -13.05 5.69
CA LEU C 192 -27.95 -13.17 6.56
C LEU C 192 -28.47 -14.60 6.59
N ASN C 193 -28.60 -15.21 5.40
CA ASN C 193 -29.04 -16.59 5.31
C ASN C 193 -28.12 -17.51 6.10
N PHE C 194 -26.81 -17.39 5.90
CA PHE C 194 -25.86 -18.19 6.67
C PHE C 194 -26.10 -18.00 8.17
N LEU C 195 -25.96 -16.77 8.64
CA LEU C 195 -26.15 -16.50 10.06
C LEU C 195 -27.50 -17.04 10.53
N PHE C 196 -28.56 -16.77 9.76
CA PHE C 196 -29.88 -17.25 10.16
C PHE C 196 -29.93 -18.78 10.18
N LYS C 197 -29.20 -19.44 9.28
CA LYS C 197 -28.96 -20.87 9.44
C LYS C 197 -28.19 -21.12 10.72
N VAL C 198 -27.27 -20.22 11.07
CA VAL C 198 -26.57 -20.29 12.35
C VAL C 198 -27.56 -20.04 13.50
N ARG C 199 -28.40 -19.02 13.35
CA ARG C 199 -29.37 -18.65 14.38
C ARG C 199 -30.46 -19.71 14.57
N GLU C 200 -31.11 -20.13 13.47
CA GLU C 200 -32.31 -20.96 13.57
C GLU C 200 -32.05 -22.30 14.25
N SER C 201 -30.88 -22.90 14.04
CA SER C 201 -30.59 -24.22 14.61
C SER C 201 -30.62 -24.22 16.14
N GLY C 202 -30.57 -23.06 16.78
CA GLY C 202 -30.54 -22.99 18.24
C GLY C 202 -29.20 -23.21 18.90
N SER C 203 -28.13 -23.38 18.12
CA SER C 203 -26.80 -23.48 18.73
C SER C 203 -26.44 -22.19 19.45
N LEU C 204 -27.03 -21.08 19.03
CA LEU C 204 -26.90 -19.79 19.71
C LEU C 204 -27.84 -19.65 20.88
N SER C 205 -28.70 -20.64 21.11
CA SER C 205 -29.68 -20.53 22.18
C SER C 205 -28.98 -20.48 23.54
N PRO C 206 -29.41 -19.59 24.45
CA PRO C 206 -28.71 -19.44 25.74
C PRO C 206 -28.71 -20.69 26.59
N GLU C 207 -29.54 -21.68 26.26
CA GLU C 207 -29.51 -22.95 26.98
C GLU C 207 -28.17 -23.65 26.81
N HIS C 208 -27.46 -23.37 25.72
CA HIS C 208 -26.15 -23.95 25.47
C HIS C 208 -25.05 -23.00 25.94
N GLY C 209 -23.80 -23.46 25.85
CA GLY C 209 -22.67 -22.59 26.03
C GLY C 209 -22.65 -21.61 24.88
N PRO C 210 -21.61 -20.78 24.80
CA PRO C 210 -21.53 -19.82 23.70
C PRO C 210 -21.07 -20.53 22.44
N VAL C 211 -21.64 -20.13 21.30
CA VAL C 211 -21.17 -20.70 20.03
C VAL C 211 -19.75 -20.22 19.79
N VAL C 212 -18.96 -21.07 19.17
CA VAL C 212 -17.59 -20.73 18.81
C VAL C 212 -17.59 -20.24 17.38
N VAL C 213 -17.06 -19.05 17.18
CA VAL C 213 -16.90 -18.48 15.85
C VAL C 213 -15.41 -18.23 15.70
N HIS C 214 -14.86 -18.58 14.55
CA HIS C 214 -13.41 -18.44 14.38
C HIS C 214 -13.05 -18.36 12.92
N ALA C 215 -11.81 -17.93 12.70
CA ALA C 215 -11.29 -17.88 11.34
C ALA C 215 -9.77 -18.02 11.41
N SER C 216 -9.07 -17.35 10.50
CA SER C 216 -7.62 -17.47 10.52
C SER C 216 -7.04 -16.89 11.79
N ALA C 217 -7.49 -15.71 12.18
CA ALA C 217 -7.08 -15.11 13.43
C ALA C 217 -8.23 -14.99 14.41
N GLY C 218 -9.46 -15.29 13.99
CA GLY C 218 -10.61 -15.27 14.88
C GLY C 218 -10.90 -13.91 15.46
N ILE C 219 -10.87 -12.87 14.64
CA ILE C 219 -11.26 -11.53 15.09
C ILE C 219 -11.98 -10.79 13.98
N GLY C 220 -11.48 -10.86 12.76
CA GLY C 220 -11.98 -10.05 11.66
C GLY C 220 -13.19 -10.65 11.00
N ARG C 221 -12.97 -11.80 10.36
CA ARG C 221 -14.07 -12.53 9.76
C ARG C 221 -15.04 -12.98 10.84
N SER C 222 -14.50 -13.50 11.94
CA SER C 222 -15.33 -13.90 13.07
C SER C 222 -16.04 -12.70 13.69
N GLY C 223 -15.33 -11.59 13.85
CA GLY C 223 -15.94 -10.39 14.42
C GLY C 223 -17.10 -9.87 13.62
N THR C 224 -16.97 -9.86 12.28
CA THR C 224 -18.06 -9.38 11.44
C THR C 224 -19.33 -10.17 11.70
N PHE C 225 -19.17 -11.46 11.99
CA PHE C 225 -20.31 -12.32 12.30
C PHE C 225 -21.01 -11.82 13.57
N CYS C 226 -20.24 -11.61 14.65
CA CYS C 226 -20.83 -11.24 15.94
C CYS C 226 -21.39 -9.82 15.93
N LEU C 227 -20.65 -8.85 15.39
CA LEU C 227 -21.16 -7.47 15.42
C LEU C 227 -22.50 -7.36 14.69
N ALA C 228 -22.63 -7.99 13.53
CA ALA C 228 -23.90 -7.98 12.81
C ALA C 228 -24.98 -8.63 13.65
N ASP C 229 -24.71 -9.84 14.13
CA ASP C 229 -25.71 -10.59 14.88
C ASP C 229 -26.18 -9.80 16.08
N THR C 230 -25.24 -9.28 16.86
CA THR C 230 -25.59 -8.61 18.09
C THR C 230 -26.43 -7.36 17.84
N CYS C 231 -26.08 -6.58 16.80
CA CYS C 231 -26.85 -5.39 16.47
C CYS C 231 -28.31 -5.74 16.24
N LEU C 232 -28.56 -6.73 15.36
CA LEU C 232 -29.91 -7.19 15.10
C LEU C 232 -30.55 -7.68 16.39
N LEU C 233 -29.76 -8.33 17.25
CA LEU C 233 -30.23 -8.71 18.58
C LEU C 233 -30.68 -7.49 19.38
N LEU C 234 -29.95 -6.38 19.26
CA LEU C 234 -30.30 -5.19 20.03
C LEU C 234 -31.55 -4.53 19.48
N MET C 235 -31.62 -4.37 18.15
CA MET C 235 -32.79 -3.76 17.55
C MET C 235 -34.05 -4.53 17.93
N ASP C 236 -33.94 -5.84 18.11
CA ASP C 236 -35.06 -6.67 18.57
C ASP C 236 -35.45 -6.39 20.02
N LYS C 237 -34.66 -5.61 20.77
CA LYS C 237 -34.96 -5.39 22.18
C LYS C 237 -35.61 -4.04 22.45
N ARG C 238 -35.13 -2.96 21.82
CA ARG C 238 -35.78 -1.66 21.94
C ARG C 238 -36.76 -1.35 20.82
N LYS C 239 -36.69 -2.01 19.67
CA LYS C 239 -37.55 -1.68 18.54
C LYS C 239 -37.13 -0.35 17.91
N ASP C 240 -35.87 0.01 18.09
CA ASP C 240 -35.35 1.32 17.70
C ASP C 240 -33.93 1.16 17.18
N PRO C 241 -33.39 2.21 16.51
CA PRO C 241 -32.01 2.05 15.99
C PRO C 241 -30.99 1.77 17.08
N SER C 242 -31.20 2.35 18.25
CA SER C 242 -30.37 2.12 19.41
C SER C 242 -30.81 3.05 20.53
N ASP C 245 -26.25 1.73 18.06
CA ASP C 245 -25.05 2.27 17.43
C ASP C 245 -24.05 1.20 17.11
N ILE C 246 -23.82 0.97 15.82
CA ILE C 246 -22.92 -0.09 15.39
C ILE C 246 -21.51 0.16 15.90
N LYS C 247 -21.06 1.41 15.88
CA LYS C 247 -19.73 1.73 16.37
C LYS C 247 -19.60 1.43 17.84
N LYS C 248 -20.53 1.95 18.66
CA LYS C 248 -20.43 1.74 20.10
C LYS C 248 -20.41 0.25 20.41
N VAL C 249 -21.16 -0.55 19.65
CA VAL C 249 -21.21 -1.98 19.90
C VAL C 249 -19.86 -2.62 19.62
N LEU C 250 -19.24 -2.24 18.51
CA LEU C 250 -17.95 -2.81 18.16
C LEU C 250 -16.89 -2.47 19.19
N LEU C 251 -16.90 -1.24 19.71
CA LEU C 251 -15.94 -0.88 20.74
C LEU C 251 -16.18 -1.69 22.02
N GLU C 252 -17.44 -1.90 22.37
CA GLU C 252 -17.77 -2.67 23.56
C GLU C 252 -17.24 -4.09 23.48
N MET C 253 -17.33 -4.72 22.30
CA MET C 253 -16.82 -6.07 22.11
C MET C 253 -15.30 -6.11 22.22
N ARG C 254 -14.63 -5.15 21.57
CA ARG C 254 -13.18 -5.02 21.53
C ARG C 254 -12.60 -4.94 22.93
N LYS C 255 -13.48 -4.89 23.95
CA LYS C 255 -13.05 -4.99 25.34
C LYS C 255 -12.67 -6.42 25.73
N PHE C 256 -13.01 -7.43 24.92
CA PHE C 256 -12.72 -8.82 25.23
C PHE C 256 -11.73 -9.49 24.28
N ARG C 257 -11.61 -8.98 23.06
CA ARG C 257 -10.62 -9.50 22.11
C ARG C 257 -10.13 -8.36 21.25
N MET C 258 -8.82 -8.34 20.98
CA MET C 258 -8.22 -7.24 20.22
C MET C 258 -8.55 -7.35 18.73
N GLY C 259 -8.64 -6.18 18.08
CA GLY C 259 -8.68 -6.12 16.63
C GLY C 259 -9.86 -6.80 15.96
N LEU C 260 -11.02 -6.85 16.62
CA LEU C 260 -12.23 -7.31 15.95
C LEU C 260 -12.54 -6.39 14.77
N ILE C 261 -12.91 -6.99 13.63
CA ILE C 261 -13.08 -6.24 12.39
C ILE C 261 -11.71 -5.86 11.87
N ALA C 262 -11.37 -6.32 10.67
CA ALA C 262 -10.02 -6.22 10.15
C ALA C 262 -9.85 -5.20 9.03
N THR C 263 -10.93 -4.85 8.33
CA THR C 263 -10.84 -3.93 7.20
C THR C 263 -11.96 -2.91 7.26
N ALA C 264 -11.69 -1.73 6.70
CA ALA C 264 -12.76 -0.75 6.54
C ALA C 264 -13.91 -1.32 5.74
N ASP C 265 -13.63 -2.22 4.80
CA ASP C 265 -14.66 -2.86 4.00
C ASP C 265 -15.56 -3.73 4.87
N GLN C 266 -14.96 -4.64 5.65
CA GLN C 266 -15.71 -5.49 6.58
C GLN C 266 -16.65 -4.65 7.47
N LEU C 267 -16.11 -3.57 8.03
CA LEU C 267 -16.94 -2.67 8.84
C LEU C 267 -18.12 -2.13 8.04
N ARG C 268 -17.89 -1.77 6.78
CA ARG C 268 -18.99 -1.32 5.91
C ARG C 268 -20.03 -2.41 5.74
N PHE C 269 -19.58 -3.65 5.58
CA PHE C 269 -20.49 -4.79 5.45
C PHE C 269 -21.43 -4.90 6.63
N SER C 270 -20.90 -4.80 7.85
CA SER C 270 -21.74 -4.87 9.04
C SER C 270 -22.91 -3.89 8.95
N TYR C 271 -22.63 -2.68 8.48
CA TYR C 271 -23.68 -1.68 8.35
C TYR C 271 -24.78 -2.18 7.41
N LEU C 272 -24.41 -2.55 6.19
CA LEU C 272 -25.41 -2.98 5.21
C LEU C 272 -26.12 -4.25 5.67
N ALA C 273 -25.38 -5.18 6.25
CA ALA C 273 -25.98 -6.44 6.68
C ALA C 273 -27.08 -6.22 7.72
N VAL C 274 -26.82 -5.38 8.72
CA VAL C 274 -27.83 -5.10 9.75
C VAL C 274 -29.04 -4.39 9.16
N ILE C 275 -28.82 -3.39 8.31
CA ILE C 275 -29.95 -2.63 7.77
C ILE C 275 -30.85 -3.55 6.95
N GLU C 276 -30.25 -4.34 6.06
CA GLU C 276 -31.04 -5.24 5.22
C GLU C 276 -31.73 -6.32 6.03
N GLY C 277 -31.04 -6.87 7.04
CA GLY C 277 -31.66 -7.86 7.91
C GLY C 277 -32.78 -7.29 8.75
N ALA C 278 -32.73 -5.99 9.05
CA ALA C 278 -33.76 -5.36 9.87
C ALA C 278 -35.16 -5.56 9.29
N LYS C 279 -35.29 -5.76 7.98
CA LYS C 279 -36.62 -5.94 7.40
C LYS C 279 -37.31 -7.20 7.92
N PHE C 280 -36.57 -8.31 8.04
CA PHE C 280 -37.13 -9.57 8.56
C PHE C 280 -37.51 -9.44 10.03
N ILE C 281 -36.58 -8.95 10.85
CA ILE C 281 -36.81 -8.87 12.30
C ILE C 281 -38.00 -7.99 12.63
N MET C 282 -38.12 -6.82 11.98
CA MET C 282 -39.17 -5.89 12.33
C MET C 282 -40.55 -6.41 11.94
N GLY C 283 -40.70 -6.95 10.74
CA GLY C 283 -42.02 -7.38 10.31
C GLY C 283 -42.01 -8.28 9.09
N ASP C 284 -41.26 -7.89 8.05
CA ASP C 284 -41.17 -8.71 6.85
C ASP C 284 -40.49 -10.04 7.16
N SER C 285 -40.93 -10.68 8.24
CA SER C 285 -40.40 -11.99 8.56
C SER C 285 -40.58 -12.93 7.38
N SER C 286 -41.68 -12.76 6.64
CA SER C 286 -41.90 -13.61 5.48
C SER C 286 -40.85 -13.30 4.42
N VAL C 287 -40.45 -12.04 4.31
CA VAL C 287 -39.45 -11.68 3.32
C VAL C 287 -38.16 -12.50 3.48
N GLN C 288 -38.06 -13.32 4.53
CA GLN C 288 -37.00 -14.33 4.61
C GLN C 288 -37.01 -15.28 3.42
N ASP C 289 -38.17 -15.46 2.78
CA ASP C 289 -38.26 -16.40 1.67
C ASP C 289 -37.51 -15.89 0.44
N GLN C 290 -37.32 -14.57 0.35
CA GLN C 290 -36.61 -13.99 -0.78
C GLN C 290 -35.12 -14.36 -0.76
N TRP C 291 -34.48 -14.20 0.40
CA TRP C 291 -33.03 -14.46 0.54
C TRP C 291 -32.65 -15.87 0.15
N LYS C 292 -33.52 -16.85 0.38
CA LYS C 292 -33.18 -18.20 -0.05
C LYS C 292 -32.94 -18.24 -1.56
N GLU C 293 -33.75 -17.52 -2.35
CA GLU C 293 -33.55 -17.55 -3.79
C GLU C 293 -32.26 -16.83 -4.19
N LEU C 294 -32.04 -15.59 -3.68
CA LEU C 294 -30.85 -14.79 -4.03
C LEU C 294 -29.57 -15.37 -3.43
N SER C 295 -29.66 -16.11 -2.32
CA SER C 295 -28.47 -16.70 -1.72
C SER C 295 -27.90 -17.79 -2.62
N HIS C 296 -28.77 -18.49 -3.34
CA HIS C 296 -28.38 -19.62 -4.20
C HIS C 296 -27.53 -20.63 -3.44
N GLU C 297 -28.07 -21.09 -2.32
CA GLU C 297 -27.34 -22.03 -1.49
C GLU C 297 -27.21 -23.38 -2.16
N ASP C 298 -28.14 -23.71 -3.05
CA ASP C 298 -28.23 -25.04 -3.63
C ASP C 298 -27.35 -25.13 -4.88
N LYS D 6 -18.20 -1.71 -22.55
CA LYS D 6 -18.59 -0.30 -22.49
C LYS D 6 -17.79 0.44 -21.42
N GLU D 7 -17.63 -0.20 -20.24
CA GLU D 7 -16.86 0.35 -19.14
C GLU D 7 -15.36 0.16 -19.32
N TYR D 8 -14.88 -0.22 -20.49
CA TYR D 8 -13.45 -0.29 -20.75
C TYR D 8 -13.09 0.51 -21.98
N PTR D 9 -11.90 1.12 -22.00
CA PTR D 9 -11.52 1.97 -23.12
C PTR D 9 -10.87 1.16 -24.24
O PTR D 9 -10.98 1.55 -25.41
CB PTR D 9 -10.59 3.11 -22.69
CG PTR D 9 -10.26 4.09 -23.80
CD1 PTR D 9 -8.97 4.20 -24.28
CD2 PTR D 9 -11.24 4.90 -24.35
CE1 PTR D 9 -8.65 5.09 -25.28
CE2 PTR D 9 -10.93 5.81 -25.36
CZ PTR D 9 -9.63 5.90 -25.81
OH PTR D 9 -9.31 6.73 -26.77
P PTR D 9 -9.13 8.32 -26.59
O1P PTR D 9 -8.95 8.60 -25.14
O2P PTR D 9 -7.90 8.77 -27.44
O3P PTR D 9 -10.38 9.06 -27.09
N LYS D 10 -10.21 0.05 -23.90
CA LYS D 10 -9.68 -0.85 -24.92
C LYS D 10 -10.27 -2.24 -24.74
N VAL D 11 -10.52 -2.89 -25.86
CA VAL D 11 -11.14 -4.22 -25.84
C VAL D 11 -10.25 -5.25 -26.50
N LYS E 6 37.87 15.82 9.22
CA LYS E 6 36.70 15.64 8.37
C LYS E 6 36.68 14.25 7.74
N GLU E 7 37.68 13.43 8.07
CA GLU E 7 37.74 12.07 7.59
C GLU E 7 37.72 11.05 8.72
N TYR E 8 37.37 11.48 9.92
CA TYR E 8 37.31 10.60 11.08
C TYR E 8 35.93 10.68 11.72
N PTR E 9 35.28 9.53 11.88
CA PTR E 9 33.94 9.46 12.45
C PTR E 9 33.97 9.82 13.96
O PTR E 9 33.13 10.60 14.43
CB PTR E 9 33.31 8.06 12.17
CG PTR E 9 31.85 7.93 12.50
CD1 PTR E 9 31.43 7.10 13.54
CD2 PTR E 9 30.89 8.64 11.81
CE1 PTR E 9 30.11 6.99 13.87
CE2 PTR E 9 29.56 8.55 12.13
CZ PTR E 9 29.18 7.70 13.16
OH PTR E 9 27.93 7.59 13.53
P PTR E 9 26.75 6.67 12.90
O1P PTR E 9 25.84 6.10 14.02
O2P PTR E 9 27.47 5.55 12.23
O3P PTR E 9 25.83 7.60 11.96
N LYS E 10 34.92 9.26 14.70
CA LYS E 10 35.10 9.61 16.11
C LYS E 10 35.81 10.97 16.25
N VAL E 11 35.55 11.70 17.34
CA VAL E 11 36.08 13.05 17.56
C VAL E 11 36.66 13.16 18.96
N LYS E 12 35.92 13.83 19.86
CA LYS E 12 36.12 13.74 21.32
C LYS E 12 37.42 14.39 21.81
N GLU E 13 37.73 15.55 21.28
CA GLU E 13 38.95 16.25 21.63
C GLU E 13 38.95 16.65 23.10
N GLU F 7 4.18 -14.59 10.18
CA GLU F 7 3.73 -14.89 11.53
C GLU F 7 2.83 -13.79 12.05
N TYR F 8 2.39 -12.92 11.14
CA TYR F 8 1.59 -11.74 11.49
C TYR F 8 0.29 -11.79 10.70
N PTR F 9 -0.80 -11.44 11.37
CA PTR F 9 -2.11 -11.40 10.73
C PTR F 9 -2.22 -10.12 9.90
O PTR F 9 -2.95 -10.16 8.91
CB PTR F 9 -3.26 -11.46 11.73
CG PTR F 9 -4.65 -11.66 11.14
CD1 PTR F 9 -5.71 -10.84 11.51
CD2 PTR F 9 -4.90 -12.66 10.22
CE1 PTR F 9 -6.99 -11.01 10.99
CE2 PTR F 9 -6.18 -12.85 9.69
CZ PTR F 9 -7.22 -12.02 10.08
OH PTR F 9 -8.43 -12.19 9.60
P PTR F 9 -9.44 -13.43 9.98
O1P PTR F 9 -9.22 -13.87 11.37
O2P PTR F 9 -10.88 -12.88 10.01
O3P PTR F 9 -9.28 -14.62 8.91
C TRS G . 6.47 16.31 -6.24
C1 TRS G . 6.96 16.26 -7.72
C2 TRS G . 6.61 14.84 -5.68
C3 TRS G . 4.93 16.37 -6.53
N TRS G . 7.30 17.52 -5.49
O1 TRS G . 6.55 15.06 -8.41
O2 TRS G . 7.77 14.17 -6.18
O3 TRS G . 4.64 15.62 -7.73
H11 TRS G . 8.05 16.33 -7.75
H12 TRS G . 6.55 17.12 -8.26
H21 TRS G . 5.72 14.27 -5.97
H22 TRS G . 6.65 14.87 -4.59
H31 TRS G . 4.38 15.94 -5.68
H32 TRS G . 4.61 17.41 -6.64
HN1 TRS G . 7.37 18.43 -5.92
HN2 TRS G . 8.28 17.40 -5.27
HN3 TRS G . 7.00 17.83 -4.56
HO1 TRS G . 6.79 15.13 -9.36
HO2 TRS G . 7.83 13.27 -5.77
HO3 TRS G . 3.69 15.40 -7.76
C TRS H . -29.87 32.65 -33.22
C1 TRS H . -28.36 32.37 -33.53
C2 TRS H . -29.71 33.11 -31.71
C3 TRS H . -30.40 31.16 -33.10
N TRS H . -30.50 33.56 -34.43
O1 TRS H . -27.83 31.33 -32.69
O2 TRS H . -28.49 32.53 -31.11
O3 TRS H . -29.44 30.24 -33.65
H11 TRS H . -27.80 33.29 -33.38
H12 TRS H . -28.25 32.08 -34.58
H21 TRS H . -30.58 32.81 -31.13
H22 TRS H . -29.64 34.19 -31.67
H31 TRS H . -30.57 30.92 -32.06
H32 TRS H . -31.34 31.08 -33.64
HN1 TRS H . -30.70 33.15 -35.34
HN2 TRS H . -30.01 34.38 -34.76
HN3 TRS H . -31.41 34.01 -34.31
HO1 TRS H . -26.86 31.30 -32.78
HO2 TRS H . -28.42 32.82 -30.18
HO3 TRS H . -29.84 29.34 -33.68
C TRS I . -10.59 -14.76 34.13
C1 TRS I . -10.23 -14.88 32.63
C2 TRS I . -9.63 -15.79 34.79
C3 TRS I . -12.04 -15.38 34.27
N TRS I . -10.32 -13.21 34.51
O1 TRS I . -8.85 -15.12 32.47
O2 TRS I . -9.21 -16.73 33.79
O3 TRS I . -12.66 -15.93 33.09
H11 TRS I . -10.51 -13.95 32.12
H12 TRS I . -10.80 -15.69 32.19
H21 TRS I . -10.13 -16.31 35.60
H22 TRS I . -8.75 -15.29 35.20
H31 TRS I . -11.99 -16.17 35.02
H32 TRS I . -12.70 -14.60 34.66
HN1 TRS I . -10.93 -12.49 34.14
HN2 TRS I . -9.44 -12.78 34.27
HN3 TRS I . -10.35 -12.92 35.49
HO1 TRS I . -8.59 -14.92 31.54
HO2 TRS I . -8.59 -17.38 34.18
HO3 TRS I . -13.41 -16.52 33.35
#